data_1I0J
# 
_entry.id   1I0J 
# 
_audit_conform.dict_name       mmcif_pdbx.dic 
_audit_conform.dict_version    5.386 
_audit_conform.dict_location   http://mmcif.pdb.org/dictionaries/ascii/mmcif_pdbx.dic 
# 
loop_
_database_2.database_id 
_database_2.database_code 
_database_2.pdbx_database_accession 
_database_2.pdbx_DOI 
PDB   1I0J         pdb_00001i0j 10.2210/pdb1i0j/pdb 
NDB   AD0013       ?            ?                   
RCSB  RCSB012754   ?            ?                   
WWPDB D_1000012754 ?            ?                   
# 
loop_
_pdbx_audit_revision_history.ordinal 
_pdbx_audit_revision_history.data_content_type 
_pdbx_audit_revision_history.major_revision 
_pdbx_audit_revision_history.minor_revision 
_pdbx_audit_revision_history.revision_date 
1 'Structure model' 1 0 2001-04-04 
2 'Structure model' 1 1 2008-04-27 
3 'Structure model' 1 2 2011-07-13 
4 'Structure model' 2 0 2022-06-22 
5 'Structure model' 2 1 2024-02-07 
# 
_pdbx_audit_revision_details.ordinal             1 
_pdbx_audit_revision_details.revision_ordinal    1 
_pdbx_audit_revision_details.data_content_type   'Structure model' 
_pdbx_audit_revision_details.provider            repository 
_pdbx_audit_revision_details.type                'Initial release' 
_pdbx_audit_revision_details.description         ? 
_pdbx_audit_revision_details.details             ? 
# 
loop_
_pdbx_audit_revision_group.ordinal 
_pdbx_audit_revision_group.revision_ordinal 
_pdbx_audit_revision_group.data_content_type 
_pdbx_audit_revision_group.group 
1 2 'Structure model' 'Version format compliance' 
2 3 'Structure model' 'Version format compliance' 
3 4 'Structure model' 'Data collection'           
4 4 'Structure model' 'Database references'       
5 4 'Structure model' 'Derived calculations'      
6 4 'Structure model' 'Polymer sequence'          
7 5 'Structure model' 'Data collection'           
# 
loop_
_pdbx_audit_revision_category.ordinal 
_pdbx_audit_revision_category.revision_ordinal 
_pdbx_audit_revision_category.data_content_type 
_pdbx_audit_revision_category.category 
1 4 'Structure model' chem_comp               
2 4 'Structure model' database_2              
3 4 'Structure model' entity_poly             
4 4 'Structure model' pdbx_struct_conn_angle  
5 4 'Structure model' pdbx_struct_mod_residue 
6 4 'Structure model' struct_conn             
7 4 'Structure model' struct_site             
8 5 'Structure model' chem_comp_atom          
9 5 'Structure model' chem_comp_bond          
# 
loop_
_pdbx_audit_revision_item.ordinal 
_pdbx_audit_revision_item.revision_ordinal 
_pdbx_audit_revision_item.data_content_type 
_pdbx_audit_revision_item.item 
1  4 'Structure model' '_chem_comp.mon_nstd_flag'                    
2  4 'Structure model' '_chem_comp.type'                             
3  4 'Structure model' '_database_2.pdbx_DOI'                        
4  4 'Structure model' '_database_2.pdbx_database_accession'         
5  4 'Structure model' '_entity_poly.pdbx_seq_one_letter_code_can'   
6  4 'Structure model' '_pdbx_struct_conn_angle.ptnr1_auth_asym_id'  
7  4 'Structure model' '_pdbx_struct_conn_angle.ptnr1_auth_comp_id'  
8  4 'Structure model' '_pdbx_struct_conn_angle.ptnr1_auth_seq_id'   
9  4 'Structure model' '_pdbx_struct_conn_angle.ptnr1_label_asym_id' 
10 4 'Structure model' '_pdbx_struct_conn_angle.ptnr1_label_atom_id' 
11 4 'Structure model' '_pdbx_struct_conn_angle.ptnr1_label_comp_id' 
12 4 'Structure model' '_pdbx_struct_conn_angle.ptnr1_label_seq_id'  
13 4 'Structure model' '_pdbx_struct_conn_angle.ptnr1_symmetry'      
14 4 'Structure model' '_pdbx_struct_conn_angle.ptnr2_auth_seq_id'   
15 4 'Structure model' '_pdbx_struct_conn_angle.ptnr2_label_asym_id' 
16 4 'Structure model' '_pdbx_struct_conn_angle.ptnr3_auth_asym_id'  
17 4 'Structure model' '_pdbx_struct_conn_angle.ptnr3_auth_comp_id'  
18 4 'Structure model' '_pdbx_struct_conn_angle.ptnr3_auth_seq_id'   
19 4 'Structure model' '_pdbx_struct_conn_angle.ptnr3_label_asym_id' 
20 4 'Structure model' '_pdbx_struct_conn_angle.ptnr3_label_atom_id' 
21 4 'Structure model' '_pdbx_struct_conn_angle.ptnr3_label_comp_id' 
22 4 'Structure model' '_pdbx_struct_conn_angle.ptnr3_label_seq_id'  
23 4 'Structure model' '_pdbx_struct_conn_angle.ptnr3_symmetry'      
24 4 'Structure model' '_pdbx_struct_conn_angle.value'               
25 4 'Structure model' '_struct_conn.conn_type_id'                   
26 4 'Structure model' '_struct_conn.id'                             
27 4 'Structure model' '_struct_conn.pdbx_dist_value'                
28 4 'Structure model' '_struct_conn.pdbx_leaving_atom_flag'         
29 4 'Structure model' '_struct_conn.ptnr1_auth_asym_id'             
30 4 'Structure model' '_struct_conn.ptnr1_auth_comp_id'             
31 4 'Structure model' '_struct_conn.ptnr1_auth_seq_id'              
32 4 'Structure model' '_struct_conn.ptnr1_label_asym_id'            
33 4 'Structure model' '_struct_conn.ptnr1_label_atom_id'            
34 4 'Structure model' '_struct_conn.ptnr1_label_comp_id'            
35 4 'Structure model' '_struct_conn.ptnr1_label_seq_id'             
36 4 'Structure model' '_struct_conn.ptnr2_auth_asym_id'             
37 4 'Structure model' '_struct_conn.ptnr2_auth_comp_id'             
38 4 'Structure model' '_struct_conn.ptnr2_auth_seq_id'              
39 4 'Structure model' '_struct_conn.ptnr2_label_asym_id'            
40 4 'Structure model' '_struct_conn.ptnr2_label_atom_id'            
41 4 'Structure model' '_struct_conn.ptnr2_label_comp_id'            
42 4 'Structure model' '_struct_conn.ptnr2_label_seq_id'             
43 4 'Structure model' '_struct_conn.ptnr2_symmetry'                 
44 4 'Structure model' '_struct_site.pdbx_auth_asym_id'              
45 4 'Structure model' '_struct_site.pdbx_auth_comp_id'              
46 4 'Structure model' '_struct_site.pdbx_auth_seq_id'               
# 
_pdbx_database_status.status_code                     REL 
_pdbx_database_status.entry_id                        1I0J 
_pdbx_database_status.recvd_initial_deposition_date   2001-01-29 
_pdbx_database_status.deposit_site                    RCSB 
_pdbx_database_status.process_site                    RCSB 
_pdbx_database_status.status_code_sf                  REL 
_pdbx_database_status.SG_entry                        . 
_pdbx_database_status.pdb_format_compatible           Y 
_pdbx_database_status.status_code_mr                  ? 
_pdbx_database_status.status_code_cs                  ? 
_pdbx_database_status.status_code_nmr_data            ? 
_pdbx_database_status.methods_development_category    ? 
# 
loop_
_audit_author.name 
_audit_author.pdbx_ordinal 
'Tereshko, V.'  1 
'Wilds, C.J.'   2 
'Minasov, G.'   3 
'Prakash, T.P.' 4 
'Maier, M.A.'   5 
'Howard, A.'    6 
'Wawrzak, Z.'   7 
'Manoharan, M.' 8 
'Egli, M.'      9 
# 
_citation.id                        primary 
_citation.title                     
'Detection of alkali metal ions in DNA crystals using state-of-the-art X-ray diffraction experiments.' 
_citation.journal_abbrev            'Nucleic Acids Res.' 
_citation.journal_volume            29 
_citation.page_first                1208 
_citation.page_last                 1215 
_citation.year                      2001 
_citation.journal_id_ASTM           NARHAD 
_citation.country                   UK 
_citation.journal_id_ISSN           0305-1048 
_citation.journal_id_CSD            0389 
_citation.book_publisher            ? 
_citation.pdbx_database_id_PubMed   11222771 
_citation.pdbx_database_id_DOI      10.1093/nar/29.5.1208 
# 
loop_
_citation_author.citation_id 
_citation_author.name 
_citation_author.ordinal 
_citation_author.identifier_ORCID 
primary 'Tereshko, V.'  1 ? 
primary 'Wilds, C.J.'   2 ? 
primary 'Minasov, G.'   3 ? 
primary 'Prakash, T.P.' 4 ? 
primary 'Maier, M.A.'   5 ? 
primary 'Howard, A.'    6 ? 
primary 'Wawrzak, Z.'   7 ? 
primary 'Manoharan, M.' 8 ? 
primary 'Egli, M.'      9 ? 
# 
loop_
_entity.id 
_entity.type 
_entity.src_method 
_entity.pdbx_description 
_entity.formula_weight 
_entity.pdbx_number_of_molecules 
_entity.pdbx_ec 
_entity.pdbx_mutation 
_entity.pdbx_fragment 
_entity.details 
1 polymer     syn "5'-D(*GP*CP*GP*TP*AP*(T23)P*AP*CP*GP*C)-3'" 3073.059 2  ? ? ? ? 
2 non-polymer syn 'CESIUM ION'                                 132.905  3  ? ? ? ? 
3 water       nat water                                        18.015   92 ? ? ? ? 
# 
_entity_poly.entity_id                      1 
_entity_poly.type                           polydeoxyribonucleotide 
_entity_poly.nstd_linkage                   no 
_entity_poly.nstd_monomer                   yes 
_entity_poly.pdbx_seq_one_letter_code       '(DG)(DC)(DG)(DT)(DA)(T23)(DA)(DC)(DG)(DC)' 
_entity_poly.pdbx_seq_one_letter_code_can   GCGTAXACGC 
_entity_poly.pdbx_strand_id                 A,B 
_entity_poly.pdbx_target_identifier         ? 
# 
loop_
_pdbx_entity_nonpoly.entity_id 
_pdbx_entity_nonpoly.name 
_pdbx_entity_nonpoly.comp_id 
2 'CESIUM ION' CS  
3 water        HOH 
# 
loop_
_entity_poly_seq.entity_id 
_entity_poly_seq.num 
_entity_poly_seq.mon_id 
_entity_poly_seq.hetero 
1 1  DG  n 
1 2  DC  n 
1 3  DG  n 
1 4  DT  n 
1 5  DA  n 
1 6  T23 n 
1 7  DA  n 
1 8  DC  n 
1 9  DG  n 
1 10 DC  n 
# 
loop_
_chem_comp.id 
_chem_comp.type 
_chem_comp.mon_nstd_flag 
_chem_comp.name 
_chem_comp.pdbx_synonyms 
_chem_comp.formula 
_chem_comp.formula_weight 
CS  non-polymer   . 'CESIUM ION'                                                           ? 'Cs 1'            132.905 
DA  'DNA linking' y "2'-DEOXYADENOSINE-5'-MONOPHOSPHATE"                                   ? 'C10 H14 N5 O6 P' 331.222 
DC  'DNA linking' y "2'-DEOXYCYTIDINE-5'-MONOPHOSPHATE"                                    ? 'C9 H14 N3 O7 P'  307.197 
DG  'DNA linking' y "2'-DEOXYGUANOSINE-5'-MONOPHOSPHATE"                                   ? 'C10 H14 N5 O7 P' 347.221 
DT  'DNA linking' y "THYMIDINE-5'-MONOPHOSPHATE"                                           ? 'C10 H15 N2 O8 P' 322.208 
HOH non-polymer   . WATER                                                                  ? 'H2 O'            18.015  
T23 non-polymer   . "2'-O-METHYL-3'-METHYL-3'-DEOXY-ARABINOFURANOSYL-THYMINE-5'-PHOSPHATE" ? 'C12 H19 N2 O8 P' 350.262 
# 
loop_
_pdbx_poly_seq_scheme.asym_id 
_pdbx_poly_seq_scheme.entity_id 
_pdbx_poly_seq_scheme.seq_id 
_pdbx_poly_seq_scheme.mon_id 
_pdbx_poly_seq_scheme.ndb_seq_num 
_pdbx_poly_seq_scheme.pdb_seq_num 
_pdbx_poly_seq_scheme.auth_seq_num 
_pdbx_poly_seq_scheme.pdb_mon_id 
_pdbx_poly_seq_scheme.auth_mon_id 
_pdbx_poly_seq_scheme.pdb_strand_id 
_pdbx_poly_seq_scheme.pdb_ins_code 
_pdbx_poly_seq_scheme.hetero 
A 1 1  DG  1  1  1  DG  G   A . n 
A 1 2  DC  2  2  2  DC  C   A . n 
A 1 3  DG  3  3  3  DG  G   A . n 
A 1 4  DT  4  4  4  DT  T   A . n 
A 1 5  DA  5  5  5  DA  A   A . n 
A 1 6  T23 6  6  6  T23 MEP A . n 
A 1 7  DA  7  7  7  DA  A   A . n 
A 1 8  DC  8  8  8  DC  C   A . n 
A 1 9  DG  9  9  9  DG  G   A . n 
A 1 10 DC  10 10 10 DC  C   A . n 
B 1 1  DG  1  11 11 DG  G   B . n 
B 1 2  DC  2  12 12 DC  C   B . n 
B 1 3  DG  3  13 13 DG  G   B . n 
B 1 4  DT  4  14 14 DT  T   B . n 
B 1 5  DA  5  15 15 DA  A   B . n 
B 1 6  T23 6  16 16 T23 MEP B . n 
B 1 7  DA  7  17 17 DA  A   B . n 
B 1 8  DC  8  18 18 DC  C   B . n 
B 1 9  DG  9  19 19 DG  G   B . n 
B 1 10 DC  10 20 20 DC  C   B . n 
# 
loop_
_pdbx_nonpoly_scheme.asym_id 
_pdbx_nonpoly_scheme.entity_id 
_pdbx_nonpoly_scheme.mon_id 
_pdbx_nonpoly_scheme.ndb_seq_num 
_pdbx_nonpoly_scheme.pdb_seq_num 
_pdbx_nonpoly_scheme.auth_seq_num 
_pdbx_nonpoly_scheme.pdb_mon_id 
_pdbx_nonpoly_scheme.auth_mon_id 
_pdbx_nonpoly_scheme.pdb_strand_id 
_pdbx_nonpoly_scheme.pdb_ins_code 
C 2 CS  1  21  21  CS  CS  A . 
D 2 CS  1  22  22  CS  CS  A . 
E 2 CS  1  23  23  CS  CS  A . 
F 3 HOH 1  106 106 HOH HOH A . 
F 3 HOH 2  107 107 HOH HOH A . 
F 3 HOH 3  109 109 HOH HOH A . 
F 3 HOH 4  110 110 HOH HOH A . 
F 3 HOH 5  111 111 HOH HOH A . 
F 3 HOH 6  112 112 HOH HOH A . 
F 3 HOH 7  113 113 HOH HOH A . 
F 3 HOH 8  115 115 HOH HOH A . 
F 3 HOH 9  118 118 HOH HOH A . 
F 3 HOH 10 119 119 HOH HOH A . 
F 3 HOH 11 122 122 HOH HOH A . 
F 3 HOH 12 123 123 HOH HOH A . 
F 3 HOH 13 124 124 HOH HOH A . 
F 3 HOH 14 126 126 HOH HOH A . 
F 3 HOH 15 127 127 HOH HOH A . 
F 3 HOH 16 129 129 HOH HOH A . 
F 3 HOH 17 130 130 HOH HOH A . 
F 3 HOH 18 131 131 HOH HOH A . 
F 3 HOH 19 133 133 HOH HOH A . 
F 3 HOH 20 134 134 HOH HOH A . 
F 3 HOH 21 138 138 HOH HOH A . 
F 3 HOH 22 139 139 HOH HOH A . 
F 3 HOH 23 144 144 HOH HOH A . 
F 3 HOH 24 145 145 HOH HOH A . 
F 3 HOH 25 146 146 HOH HOH A . 
F 3 HOH 26 147 147 HOH HOH A . 
F 3 HOH 27 150 150 HOH HOH A . 
F 3 HOH 28 152 152 HOH HOH A . 
F 3 HOH 29 153 153 HOH HOH A . 
F 3 HOH 30 155 155 HOH HOH A . 
F 3 HOH 31 156 156 HOH HOH A . 
F 3 HOH 32 159 159 HOH HOH A . 
F 3 HOH 33 163 163 HOH HOH A . 
F 3 HOH 34 166 166 HOH HOH A . 
F 3 HOH 35 169 169 HOH HOH A . 
F 3 HOH 36 170 170 HOH HOH A . 
F 3 HOH 37 172 172 HOH HOH A . 
F 3 HOH 38 173 173 HOH HOH A . 
F 3 HOH 39 175 175 HOH HOH A . 
F 3 HOH 40 176 176 HOH HOH A . 
F 3 HOH 41 183 183 HOH HOH A . 
F 3 HOH 42 184 184 HOH HOH A . 
F 3 HOH 43 185 185 HOH HOH A . 
F 3 HOH 44 186 186 HOH HOH A . 
F 3 HOH 45 191 191 HOH HOH A . 
F 3 HOH 46 194 194 HOH HOH A . 
G 3 HOH 1  24  24  HOH HOH B . 
G 3 HOH 2  104 104 HOH HOH B . 
G 3 HOH 3  105 105 HOH HOH B . 
G 3 HOH 4  108 108 HOH HOH B . 
G 3 HOH 5  114 114 HOH HOH B . 
G 3 HOH 6  116 116 HOH HOH B . 
G 3 HOH 7  117 117 HOH HOH B . 
G 3 HOH 8  120 120 HOH HOH B . 
G 3 HOH 9  121 121 HOH HOH B . 
G 3 HOH 10 125 125 HOH HOH B . 
G 3 HOH 11 128 128 HOH HOH B . 
G 3 HOH 12 132 132 HOH HOH B . 
G 3 HOH 13 135 135 HOH HOH B . 
G 3 HOH 14 136 136 HOH HOH B . 
G 3 HOH 15 137 137 HOH HOH B . 
G 3 HOH 16 140 140 HOH HOH B . 
G 3 HOH 17 141 141 HOH HOH B . 
G 3 HOH 18 142 142 HOH HOH B . 
G 3 HOH 19 143 143 HOH HOH B . 
G 3 HOH 20 148 148 HOH HOH B . 
G 3 HOH 21 149 149 HOH HOH B . 
G 3 HOH 22 151 151 HOH HOH B . 
G 3 HOH 23 154 154 HOH HOH B . 
G 3 HOH 24 157 157 HOH HOH B . 
G 3 HOH 25 158 158 HOH HOH B . 
G 3 HOH 26 160 160 HOH HOH B . 
G 3 HOH 27 161 161 HOH HOH B . 
G 3 HOH 28 162 162 HOH HOH B . 
G 3 HOH 29 164 164 HOH HOH B . 
G 3 HOH 30 165 165 HOH HOH B . 
G 3 HOH 31 167 167 HOH HOH B . 
G 3 HOH 32 168 168 HOH HOH B . 
G 3 HOH 33 171 171 HOH HOH B . 
G 3 HOH 34 174 174 HOH HOH B . 
G 3 HOH 35 177 177 HOH HOH B . 
G 3 HOH 36 178 178 HOH HOH B . 
G 3 HOH 37 179 179 HOH HOH B . 
G 3 HOH 38 180 180 HOH HOH B . 
G 3 HOH 39 181 181 HOH HOH B . 
G 3 HOH 40 182 182 HOH HOH B . 
G 3 HOH 41 187 187 HOH HOH B . 
G 3 HOH 42 188 188 HOH HOH B . 
G 3 HOH 43 189 189 HOH HOH B . 
G 3 HOH 44 190 190 HOH HOH B . 
G 3 HOH 45 192 192 HOH HOH B . 
G 3 HOH 46 193 193 HOH HOH B . 
# 
loop_
_software.name 
_software.classification 
_software.version 
_software.citation_id 
_software.pdbx_ordinal 
DENZO     'data reduction' . ? 1 
SCALEPACK 'data scaling'   . ? 2 
CNS       refinement       . ? 3 
SHELXL-97 refinement       . ? 4 
CNS       phasing          . ? 5 
# 
_cell.entry_id           1I0J 
_cell.length_a           24.82 
_cell.length_b           44.33 
_cell.length_c           44.82 
_cell.angle_alpha        90 
_cell.angle_beta         90 
_cell.angle_gamma        90 
_cell.Z_PDB              8 
_cell.pdbx_unique_axis   ? 
# 
_symmetry.entry_id                         1I0J 
_symmetry.space_group_name_H-M             'P 21 21 21' 
_symmetry.pdbx_full_space_group_name_H-M   ? 
_symmetry.cell_setting                     orthorhombic 
_symmetry.Int_Tables_number                19 
# 
_exptl.entry_id          1I0J 
_exptl.method            'X-RAY DIFFRACTION' 
_exptl.crystals_number   1 
# 
_exptl_crystal.id                    1 
_exptl_crystal.density_meas          ? 
_exptl_crystal.density_Matthews      1.93 
_exptl_crystal.density_percent_sol   36.13 
_exptl_crystal.description           ? 
# 
_exptl_crystal_grow.crystal_id      1 
_exptl_crystal_grow.method          'VAPOR DIFFUSION, HANGING DROP' 
_exptl_crystal_grow.temp            298 
_exptl_crystal_grow.temp_details    ? 
_exptl_crystal_grow.pH              6.0 
_exptl_crystal_grow.pdbx_details    'Cs, pH 6.0, VAPOR DIFFUSION, HANGING DROP at 298 K' 
_exptl_crystal_grow.pdbx_pH_range   ? 
# 
_diffrn.id                     1 
_diffrn.ambient_temp           ? 
_diffrn.ambient_temp_details   ? 
_diffrn.crystal_id             1 
# 
_diffrn_detector.diffrn_id              1 
_diffrn_detector.detector               CCD 
_diffrn_detector.type                   MARRESEARCH 
_diffrn_detector.pdbx_collection_date   1999-11-01 
_diffrn_detector.details                ? 
# 
_diffrn_radiation.diffrn_id                        1 
_diffrn_radiation.wavelength_id                    1 
_diffrn_radiation.pdbx_monochromatic_or_laue_m_l   M 
_diffrn_radiation.monochromator                    ? 
_diffrn_radiation.pdbx_diffrn_protocol             'SINGLE WAVELENGTH' 
_diffrn_radiation.pdbx_scattering_type             x-ray 
# 
_diffrn_radiation_wavelength.id           1 
_diffrn_radiation_wavelength.wavelength   0.8151 
_diffrn_radiation_wavelength.wt           1.0 
# 
_diffrn_source.diffrn_id                   1 
_diffrn_source.source                      SYNCHROTRON 
_diffrn_source.type                        'APS BEAMLINE 17-ID' 
_diffrn_source.pdbx_synchrotron_site       APS 
_diffrn_source.pdbx_synchrotron_beamline   17-ID 
_diffrn_source.pdbx_wavelength             ? 
_diffrn_source.pdbx_wavelength_list        0.8151 
# 
_reflns.entry_id                     1I0J 
_reflns.observed_criterion_sigma_I   0 
_reflns.observed_criterion_sigma_F   0 
_reflns.d_resolution_low             20 
_reflns.d_resolution_high            1.06 
_reflns.number_obs                   6913 
_reflns.number_all                   6913 
_reflns.percent_possible_obs         97.2 
_reflns.pdbx_Rmerge_I_obs            0.057 
_reflns.pdbx_Rsym_value              ? 
_reflns.pdbx_netI_over_sigmaI        ? 
_reflns.B_iso_Wilson_estimate        ? 
_reflns.pdbx_redundancy              ? 
_reflns.R_free_details               ? 
_reflns.pdbx_diffrn_id               1 
_reflns.pdbx_ordinal                 1 
# 
_refine.entry_id                                 1I0J 
_refine.ls_number_reflns_obs                     6913 
_refine.ls_number_reflns_all                     6913 
_refine.pdbx_ls_sigma_I                          0 
_refine.pdbx_ls_sigma_F                          0 
_refine.pdbx_data_cutoff_high_absF               ? 
_refine.pdbx_data_cutoff_low_absF                ? 
_refine.ls_d_res_low                             20 
_refine.ls_d_res_high                            1.06 
_refine.ls_percent_reflns_obs                    ? 
_refine.ls_R_factor_obs                          0.15 
_refine.ls_R_factor_all                          ? 
_refine.ls_R_factor_R_work                       0.15 
_refine.ls_R_factor_R_free                       0.169 
_refine.ls_R_factor_R_free_error                 ? 
_refine.ls_R_factor_R_free_error_details         ? 
_refine.ls_percent_reflns_R_free                 ? 
_refine.ls_number_reflns_R_free                  ? 
_refine.ls_number_parameters                     ? 
_refine.ls_number_restraints                     ? 
_refine.occupancy_min                            ? 
_refine.occupancy_max                            ? 
_refine.B_iso_mean                               ? 
_refine.aniso_B[1][1]                            ? 
_refine.aniso_B[2][2]                            ? 
_refine.aniso_B[3][3]                            ? 
_refine.aniso_B[1][2]                            ? 
_refine.aniso_B[1][3]                            ? 
_refine.aniso_B[2][3]                            ? 
_refine.solvent_model_details                    ? 
_refine.solvent_model_param_ksol                 ? 
_refine.solvent_model_param_bsol                 ? 
_refine.pdbx_ls_cross_valid_method               THROUGHOUT 
_refine.details                                  ? 
_refine.pdbx_starting_model                      ? 
_refine.pdbx_method_to_determine_struct          SAD 
_refine.pdbx_isotropic_thermal_model             ? 
_refine.pdbx_stereochemistry_target_values       ? 
_refine.pdbx_stereochem_target_val_spec_case     ? 
_refine.pdbx_R_Free_selection_details            RANDOM 
_refine.pdbx_overall_ESU_R_Free                  ? 
_refine.overall_SU_B                             ? 
_refine.ls_redundancy_reflns_obs                 ? 
_refine.overall_SU_ML                            ? 
_refine.pdbx_overall_ESU_R                       ? 
_refine.pdbx_data_cutoff_high_rms_absF           ? 
_refine.correlation_coeff_Fo_to_Fc               ? 
_refine.correlation_coeff_Fo_to_Fc_free          ? 
_refine.overall_SU_R_Cruickshank_DPI             ? 
_refine.overall_SU_R_free                        ? 
_refine.pdbx_refine_id                           'X-RAY DIFFRACTION' 
_refine.pdbx_diffrn_id                           1 
_refine.pdbx_TLS_residual_ADP_flag               ? 
_refine.pdbx_solvent_vdw_probe_radii             ? 
_refine.pdbx_solvent_ion_probe_radii             ? 
_refine.pdbx_solvent_shrinkage_radii             ? 
_refine.pdbx_overall_phase_error                 ? 
_refine.pdbx_overall_SU_R_free_Cruickshank_DPI   ? 
_refine.pdbx_overall_SU_R_Blow_DPI               ? 
_refine.pdbx_overall_SU_R_free_Blow_DPI          ? 
# 
_refine_hist.pdbx_refine_id                   'X-RAY DIFFRACTION' 
_refine_hist.cycle_id                         LAST 
_refine_hist.pdbx_number_atoms_protein        0 
_refine_hist.pdbx_number_atoms_nucleic_acid   408 
_refine_hist.pdbx_number_atoms_ligand         3 
_refine_hist.number_atoms_solvent             92 
_refine_hist.number_atoms_total               503 
_refine_hist.d_res_high                       1.06 
_refine_hist.d_res_low                        20 
# 
_struct.entry_id                  1I0J 
_struct.title                     
;1.06 A STRUCTURE OF THE A-DECAMER GCGTATACGC WITH A SINGLE 2'-O-METHYL-3'-METHYLENEPHOSPHONATE (T23) THYMINE IN PLACE OF T6, HIGH CS-SALT
;
_struct.pdbx_model_details        ? 
_struct.pdbx_CASP_flag            ? 
_struct.pdbx_model_type_details   ? 
# 
_struct_keywords.entry_id        1I0J 
_struct_keywords.pdbx_keywords   DNA 
_struct_keywords.text            'A-form double helix, modified sugar, DNA' 
# 
loop_
_struct_asym.id 
_struct_asym.pdbx_blank_PDB_chainid_flag 
_struct_asym.pdbx_modified 
_struct_asym.entity_id 
_struct_asym.details 
A N N 1 ? 
B N N 1 ? 
C N N 2 ? 
D N N 2 ? 
E N N 2 ? 
F N N 3 ? 
G N N 3 ? 
# 
_struct_ref.id                         1 
_struct_ref.entity_id                  1 
_struct_ref.db_name                    PDB 
_struct_ref.db_code                    1I0J 
_struct_ref.pdbx_db_accession          1I0J 
_struct_ref.pdbx_db_isoform            ? 
_struct_ref.pdbx_seq_one_letter_code   ? 
_struct_ref.pdbx_align_begin           ? 
# 
loop_
_struct_ref_seq.align_id 
_struct_ref_seq.ref_id 
_struct_ref_seq.pdbx_PDB_id_code 
_struct_ref_seq.pdbx_strand_id 
_struct_ref_seq.seq_align_beg 
_struct_ref_seq.pdbx_seq_align_beg_ins_code 
_struct_ref_seq.seq_align_end 
_struct_ref_seq.pdbx_seq_align_end_ins_code 
_struct_ref_seq.pdbx_db_accession 
_struct_ref_seq.db_align_beg 
_struct_ref_seq.pdbx_db_align_beg_ins_code 
_struct_ref_seq.db_align_end 
_struct_ref_seq.pdbx_db_align_end_ins_code 
_struct_ref_seq.pdbx_auth_seq_align_beg 
_struct_ref_seq.pdbx_auth_seq_align_end 
1 1 1I0J A 1 ? 10 ? 1I0J 1  ? 10 ? 1  10 
2 1 1I0J B 1 ? 10 ? 1I0J 11 ? 20 ? 11 20 
# 
_pdbx_struct_assembly.id                   1 
_pdbx_struct_assembly.details              author_defined_assembly 
_pdbx_struct_assembly.method_details       ? 
_pdbx_struct_assembly.oligomeric_details   dimeric 
_pdbx_struct_assembly.oligomeric_count     2 
# 
_pdbx_struct_assembly_gen.assembly_id       1 
_pdbx_struct_assembly_gen.oper_expression   1 
_pdbx_struct_assembly_gen.asym_id_list      A,B,C,D,E,F,G 
# 
_pdbx_struct_oper_list.id                   1 
_pdbx_struct_oper_list.type                 'identity operation' 
_pdbx_struct_oper_list.name                 1_555 
_pdbx_struct_oper_list.symmetry_operation   x,y,z 
_pdbx_struct_oper_list.matrix[1][1]         1.0000000000 
_pdbx_struct_oper_list.matrix[1][2]         0.0000000000 
_pdbx_struct_oper_list.matrix[1][3]         0.0000000000 
_pdbx_struct_oper_list.vector[1]            0.0000000000 
_pdbx_struct_oper_list.matrix[2][1]         0.0000000000 
_pdbx_struct_oper_list.matrix[2][2]         1.0000000000 
_pdbx_struct_oper_list.matrix[2][3]         0.0000000000 
_pdbx_struct_oper_list.vector[2]            0.0000000000 
_pdbx_struct_oper_list.matrix[3][1]         0.0000000000 
_pdbx_struct_oper_list.matrix[3][2]         0.0000000000 
_pdbx_struct_oper_list.matrix[3][3]         1.0000000000 
_pdbx_struct_oper_list.vector[3]            0.0000000000 
# 
_struct_biol.id                    1 
_struct_biol.pdbx_parent_biol_id   ? 
_struct_biol.details               ? 
# 
loop_
_struct_conn.id 
_struct_conn.conn_type_id 
_struct_conn.pdbx_leaving_atom_flag 
_struct_conn.pdbx_PDB_id 
_struct_conn.ptnr1_label_asym_id 
_struct_conn.ptnr1_label_comp_id 
_struct_conn.ptnr1_label_seq_id 
_struct_conn.ptnr1_label_atom_id 
_struct_conn.pdbx_ptnr1_label_alt_id 
_struct_conn.pdbx_ptnr1_PDB_ins_code 
_struct_conn.pdbx_ptnr1_standard_comp_id 
_struct_conn.ptnr1_symmetry 
_struct_conn.ptnr2_label_asym_id 
_struct_conn.ptnr2_label_comp_id 
_struct_conn.ptnr2_label_seq_id 
_struct_conn.ptnr2_label_atom_id 
_struct_conn.pdbx_ptnr2_label_alt_id 
_struct_conn.pdbx_ptnr2_PDB_ins_code 
_struct_conn.ptnr1_auth_asym_id 
_struct_conn.ptnr1_auth_comp_id 
_struct_conn.ptnr1_auth_seq_id 
_struct_conn.ptnr2_auth_asym_id 
_struct_conn.ptnr2_auth_comp_id 
_struct_conn.ptnr2_auth_seq_id 
_struct_conn.ptnr2_symmetry 
_struct_conn.pdbx_ptnr3_label_atom_id 
_struct_conn.pdbx_ptnr3_label_seq_id 
_struct_conn.pdbx_ptnr3_label_comp_id 
_struct_conn.pdbx_ptnr3_label_asym_id 
_struct_conn.pdbx_ptnr3_label_alt_id 
_struct_conn.pdbx_ptnr3_PDB_ins_code 
_struct_conn.details 
_struct_conn.pdbx_dist_value 
_struct_conn.pdbx_value_order 
_struct_conn.pdbx_role 
covale1  covale both ? A DA  5  "O3'" ? ? ? 1_555 A T23 6  P     ? ? A DA  5  A T23 6   1_555 ? ? ? ? ? ? ?            1.606 ? ? 
covale2  covale one  ? A T23 6  C3M   ? ? ? 1_555 A DA  7  P     ? ? A T23 6  A DA  7   1_555 ? ? ? ? ? ? ?            1.623 ? ? 
covale3  covale both ? B DA  5  "O3'" ? ? ? 1_555 B T23 6  P     ? ? B DA  15 B T23 16  1_555 ? ? ? ? ? ? ?            1.604 ? ? 
covale4  covale one  ? B T23 6  C3M   ? ? ? 1_555 B DA  7  P     ? ? B T23 16 B DA  17  1_555 ? ? ? ? ? ? ?            1.621 ? ? 
metalc1  metalc ?    ? A DG  3  O6    ? ? ? 1_555 D CS  .  CS    ? ? A DG  3  A CS  22  1_555 ? ? ? ? ? ? ?            3.558 ? ? 
metalc2  metalc ?    ? A DG  3  N7    ? ? ? 1_555 D CS  .  CS    ? ? A DG  3  A CS  22  1_555 ? ? ? ? ? ? ?            3.497 ? ? 
metalc3  metalc ?    ? A DT  4  O4    ? ? ? 1_555 D CS  .  CS    ? ? A DT  4  A CS  22  1_555 ? ? ? ? ? ? ?            3.076 ? ? 
metalc4  metalc ?    ? A DA  5  N6    ? ? ? 1_555 D CS  .  CS    ? ? A DA  5  A CS  22  1_555 ? ? ? ? ? ? ?            3.892 ? ? 
metalc5  metalc ?    ? A DG  9  "O3'" ? ? ? 1_555 C CS  .  CS    ? ? A DG  9  A CS  21  1_555 ? ? ? ? ? ? ?            3.166 ? ? 
metalc6  metalc ?    ? A DC  10 OP1   ? ? ? 1_555 C CS  .  CS    ? ? A DC  10 A CS  21  1_555 ? ? ? ? ? ? ?            3.171 ? ? 
metalc7  metalc ?    ? A DC  10 OP2   ? ? ? 1_555 E CS  .  CS    ? ? A DC  10 A CS  23  1_555 ? ? ? ? ? ? ?            2.888 ? ? 
metalc8  metalc ?    ? A DC  10 OP1   ? ? ? 1_555 E CS  .  CS    ? ? A DC  10 A CS  23  1_555 ? ? ? ? ? ? ?            3.856 ? ? 
metalc9  metalc ?    ? C CS  .  CS    ? ? ? 1_555 F HOH .  O     ? ? A CS  21 A HOH 123 2_555 ? ? ? ? ? ? ?            3.340 ? ? 
metalc10 metalc ?    ? C CS  .  CS    ? ? ? 1_555 B DT  4  "O3'" ? ? A CS  21 B DT  14  4_556 ? ? ? ? ? ? ?            3.175 ? ? 
metalc11 metalc ?    ? C CS  .  CS    ? ? ? 1_555 B DA  5  OP1   ? ? A CS  21 B DA  15  4_556 ? ? ? ? ? ? ?            3.324 ? ? 
metalc12 metalc ?    ? C CS  .  CS    ? ? ? 1_555 B DC  10 OP1   ? ? A CS  21 B DC  20  3_555 ? ? ? ? ? ? ?            3.610 ? ? 
metalc13 metalc ?    ? C CS  .  CS    ? ? ? 1_555 B DC  10 OP2   ? ? A CS  21 B DC  20  3_555 ? ? ? ? ? ? ?            3.242 ? ? 
metalc14 metalc ?    ? C CS  .  CS    ? ? ? 1_555 G HOH .  O     ? ? A CS  21 B HOH 120 3_555 ? ? ? ? ? ? ?            3.442 ? ? 
metalc15 metalc ?    ? C CS  .  CS    ? ? ? 1_555 G HOH .  O     ? ? A CS  21 B HOH 161 4_556 ? ? ? ? ? ? ?            3.250 ? ? 
metalc16 metalc ?    ? C CS  .  CS    ? ? ? 1_555 G HOH .  O     ? ? A CS  21 B HOH 179 3_555 ? ? ? ? ? ? ?            2.641 ? ? 
metalc17 metalc ?    ? C CS  .  CS    ? ? ? 1_555 G HOH .  O     ? ? A CS  21 B HOH 190 3_555 ? ? ? ? ? ? ?            2.944 ? ? 
metalc18 metalc ?    ? D CS  .  CS    ? ? ? 1_555 F HOH .  O     ? ? A CS  22 A HOH 153 1_555 ? ? ? ? ? ? ?            3.352 ? ? 
metalc19 metalc ?    ? D CS  .  CS    ? ? ? 1_555 F HOH .  O     ? ? A CS  22 A HOH 159 1_555 ? ? ? ? ? ? ?            3.768 ? ? 
metalc20 metalc ?    ? D CS  .  CS    ? ? ? 1_555 F HOH .  O     ? ? A CS  22 A HOH 191 1_555 ? ? ? ? ? ? ?            2.914 ? ? 
metalc21 metalc ?    ? D CS  .  CS    ? ? ? 1_555 G HOH .  O     ? ? A CS  22 B HOH 164 1_555 ? ? ? ? ? ? ?            3.703 ? ? 
metalc22 metalc ?    ? D CS  .  CS    ? ? ? 1_555 G HOH .  O     ? ? A CS  22 B HOH 192 1_555 ? ? ? ? ? ? ?            2.575 ? ? 
metalc23 metalc ?    ? D CS  .  CS    ? ? ? 1_555 G HOH .  O     ? ? A CS  22 B HOH 193 1_555 ? ? ? ? ? ? ?            3.330 ? ? 
metalc24 metalc ?    ? E CS  .  CS    ? ? ? 1_555 F HOH .  O     ? ? A CS  23 A HOH 131 3_655 ? ? ? ? ? ? ?            3.036 ? ? 
metalc25 metalc ?    ? E CS  .  CS    ? ? ? 1_555 B DT  4  "O4'" ? ? A CS  23 B DT  14  4_556 ? ? ? ? ? ? ?            3.266 ? ? 
metalc26 metalc ?    ? E CS  .  CS    ? ? ? 1_555 B DC  10 "O3'" ? ? A CS  23 B DC  20  2_555 ? ? ? ? ? ? ?            3.418 ? ? 
metalc27 metalc ?    ? E CS  .  CS    ? ? ? 1_555 G HOH .  O     ? ? A CS  23 B HOH 125 4_556 ? ? ? ? ? ? ?            3.304 ? ? 
metalc28 metalc ?    ? E CS  .  CS    ? ? ? 1_555 G HOH .  O     ? ? A CS  23 B HOH 128 2_555 ? ? ? ? ? ? ?            3.279 ? ? 
hydrog1  hydrog ?    ? A DG  1  N1    ? ? ? 1_555 B DC  10 N3    ? ? A DG  1  B DC  20  1_555 ? ? ? ? ? ? WATSON-CRICK ?     ? ? 
hydrog2  hydrog ?    ? A DG  1  N2    ? ? ? 1_555 B DC  10 O2    ? ? A DG  1  B DC  20  1_555 ? ? ? ? ? ? WATSON-CRICK ?     ? ? 
hydrog3  hydrog ?    ? A DG  1  O6    ? ? ? 1_555 B DC  10 N4    ? ? A DG  1  B DC  20  1_555 ? ? ? ? ? ? WATSON-CRICK ?     ? ? 
hydrog4  hydrog ?    ? A DC  2  N3    ? ? ? 1_555 B DG  9  N1    ? ? A DC  2  B DG  19  1_555 ? ? ? ? ? ? WATSON-CRICK ?     ? ? 
hydrog5  hydrog ?    ? A DC  2  N4    ? ? ? 1_555 B DG  9  O6    ? ? A DC  2  B DG  19  1_555 ? ? ? ? ? ? WATSON-CRICK ?     ? ? 
hydrog6  hydrog ?    ? A DC  2  O2    ? ? ? 1_555 B DG  9  N2    ? ? A DC  2  B DG  19  1_555 ? ? ? ? ? ? WATSON-CRICK ?     ? ? 
hydrog7  hydrog ?    ? A DG  3  N1    ? ? ? 1_555 B DC  8  N3    ? ? A DG  3  B DC  18  1_555 ? ? ? ? ? ? WATSON-CRICK ?     ? ? 
hydrog8  hydrog ?    ? A DG  3  N2    ? ? ? 1_555 B DC  8  O2    ? ? A DG  3  B DC  18  1_555 ? ? ? ? ? ? WATSON-CRICK ?     ? ? 
hydrog9  hydrog ?    ? A DG  3  O6    ? ? ? 1_555 B DC  8  N4    ? ? A DG  3  B DC  18  1_555 ? ? ? ? ? ? WATSON-CRICK ?     ? ? 
hydrog10 hydrog ?    ? A DT  4  N3    ? ? ? 1_555 B DA  7  N1    ? ? A DT  4  B DA  17  1_555 ? ? ? ? ? ? WATSON-CRICK ?     ? ? 
hydrog11 hydrog ?    ? A DT  4  O4    ? ? ? 1_555 B DA  7  N6    ? ? A DT  4  B DA  17  1_555 ? ? ? ? ? ? WATSON-CRICK ?     ? ? 
hydrog12 hydrog ?    ? A DA  5  N1    ? ? ? 1_555 B T23 6  N3    ? ? A DA  5  B T23 16  1_555 ? ? ? ? ? ? WATSON-CRICK ?     ? ? 
hydrog13 hydrog ?    ? A DA  5  N6    ? ? ? 1_555 B T23 6  O4    ? ? A DA  5  B T23 16  1_555 ? ? ? ? ? ? WATSON-CRICK ?     ? ? 
hydrog14 hydrog ?    ? A T23 6  N3    ? ? ? 1_555 B DA  5  N1    ? ? A T23 6  B DA  15  1_555 ? ? ? ? ? ? WATSON-CRICK ?     ? ? 
hydrog15 hydrog ?    ? A T23 6  O4    ? ? ? 1_555 B DA  5  N6    ? ? A T23 6  B DA  15  1_555 ? ? ? ? ? ? WATSON-CRICK ?     ? ? 
hydrog16 hydrog ?    ? A DA  7  N1    ? ? ? 1_555 B DT  4  N3    ? ? A DA  7  B DT  14  1_555 ? ? ? ? ? ? WATSON-CRICK ?     ? ? 
hydrog17 hydrog ?    ? A DA  7  N6    ? ? ? 1_555 B DT  4  O4    ? ? A DA  7  B DT  14  1_555 ? ? ? ? ? ? WATSON-CRICK ?     ? ? 
hydrog18 hydrog ?    ? A DC  8  N3    ? ? ? 1_555 B DG  3  N1    ? ? A DC  8  B DG  13  1_555 ? ? ? ? ? ? WATSON-CRICK ?     ? ? 
hydrog19 hydrog ?    ? A DC  8  N4    ? ? ? 1_555 B DG  3  O6    ? ? A DC  8  B DG  13  1_555 ? ? ? ? ? ? WATSON-CRICK ?     ? ? 
hydrog20 hydrog ?    ? A DC  8  O2    ? ? ? 1_555 B DG  3  N2    ? ? A DC  8  B DG  13  1_555 ? ? ? ? ? ? WATSON-CRICK ?     ? ? 
hydrog21 hydrog ?    ? A DG  9  N1    ? ? ? 1_555 B DC  2  N3    ? ? A DG  9  B DC  12  1_555 ? ? ? ? ? ? WATSON-CRICK ?     ? ? 
hydrog22 hydrog ?    ? A DG  9  N2    ? ? ? 1_555 B DC  2  O2    ? ? A DG  9  B DC  12  1_555 ? ? ? ? ? ? WATSON-CRICK ?     ? ? 
hydrog23 hydrog ?    ? A DG  9  O6    ? ? ? 1_555 B DC  2  N4    ? ? A DG  9  B DC  12  1_555 ? ? ? ? ? ? WATSON-CRICK ?     ? ? 
hydrog24 hydrog ?    ? A DC  10 N3    ? ? ? 1_555 B DG  1  N1    ? ? A DC  10 B DG  11  1_555 ? ? ? ? ? ? WATSON-CRICK ?     ? ? 
hydrog25 hydrog ?    ? A DC  10 N4    ? ? ? 1_555 B DG  1  O6    ? ? A DC  10 B DG  11  1_555 ? ? ? ? ? ? WATSON-CRICK ?     ? ? 
hydrog26 hydrog ?    ? A DC  10 O2    ? ? ? 1_555 B DG  1  N2    ? ? A DC  10 B DG  11  1_555 ? ? ? ? ? ? WATSON-CRICK ?     ? ? 
# 
loop_
_struct_conn_type.id 
_struct_conn_type.criteria 
_struct_conn_type.reference 
covale ? ? 
metalc ? ? 
hydrog ? ? 
# 
loop_
_pdbx_struct_conn_angle.id 
_pdbx_struct_conn_angle.ptnr1_label_atom_id 
_pdbx_struct_conn_angle.ptnr1_label_alt_id 
_pdbx_struct_conn_angle.ptnr1_label_asym_id 
_pdbx_struct_conn_angle.ptnr1_label_comp_id 
_pdbx_struct_conn_angle.ptnr1_label_seq_id 
_pdbx_struct_conn_angle.ptnr1_auth_atom_id 
_pdbx_struct_conn_angle.ptnr1_auth_asym_id 
_pdbx_struct_conn_angle.ptnr1_auth_comp_id 
_pdbx_struct_conn_angle.ptnr1_auth_seq_id 
_pdbx_struct_conn_angle.ptnr1_PDB_ins_code 
_pdbx_struct_conn_angle.ptnr1_symmetry 
_pdbx_struct_conn_angle.ptnr2_label_atom_id 
_pdbx_struct_conn_angle.ptnr2_label_alt_id 
_pdbx_struct_conn_angle.ptnr2_label_asym_id 
_pdbx_struct_conn_angle.ptnr2_label_comp_id 
_pdbx_struct_conn_angle.ptnr2_label_seq_id 
_pdbx_struct_conn_angle.ptnr2_auth_atom_id 
_pdbx_struct_conn_angle.ptnr2_auth_asym_id 
_pdbx_struct_conn_angle.ptnr2_auth_comp_id 
_pdbx_struct_conn_angle.ptnr2_auth_seq_id 
_pdbx_struct_conn_angle.ptnr2_PDB_ins_code 
_pdbx_struct_conn_angle.ptnr2_symmetry 
_pdbx_struct_conn_angle.ptnr3_label_atom_id 
_pdbx_struct_conn_angle.ptnr3_label_alt_id 
_pdbx_struct_conn_angle.ptnr3_label_asym_id 
_pdbx_struct_conn_angle.ptnr3_label_comp_id 
_pdbx_struct_conn_angle.ptnr3_label_seq_id 
_pdbx_struct_conn_angle.ptnr3_auth_atom_id 
_pdbx_struct_conn_angle.ptnr3_auth_asym_id 
_pdbx_struct_conn_angle.ptnr3_auth_comp_id 
_pdbx_struct_conn_angle.ptnr3_auth_seq_id 
_pdbx_struct_conn_angle.ptnr3_PDB_ins_code 
_pdbx_struct_conn_angle.ptnr3_symmetry 
_pdbx_struct_conn_angle.value 
_pdbx_struct_conn_angle.value_esd 
1   O6    ? A DG  3  ? A DG  3   ? 1_555 CS ? D CS . ? A CS 22 ? 1_555 N7    ? A DG  3  ? A DG  3   ? 1_555 52.2  ? 
2   O6    ? A DG  3  ? A DG  3   ? 1_555 CS ? D CS . ? A CS 22 ? 1_555 O4    ? A DT  4  ? A DT  4   ? 1_555 61.7  ? 
3   N7    ? A DG  3  ? A DG  3   ? 1_555 CS ? D CS . ? A CS 22 ? 1_555 O4    ? A DT  4  ? A DT  4   ? 1_555 82.9  ? 
4   O6    ? A DG  3  ? A DG  3   ? 1_555 CS ? D CS . ? A CS 22 ? 1_555 N6    ? A DA  5  ? A DA  5   ? 1_555 96.7  ? 
5   N7    ? A DG  3  ? A DG  3   ? 1_555 CS ? D CS . ? A CS 22 ? 1_555 N6    ? A DA  5  ? A DA  5   ? 1_555 137.3 ? 
6   O4    ? A DT  4  ? A DT  4   ? 1_555 CS ? D CS . ? A CS 22 ? 1_555 N6    ? A DA  5  ? A DA  5   ? 1_555 54.9  ? 
7   O6    ? A DG  3  ? A DG  3   ? 1_555 CS ? D CS . ? A CS 22 ? 1_555 O     ? F HOH .  ? A HOH 153 ? 1_555 73.1  ? 
8   N7    ? A DG  3  ? A DG  3   ? 1_555 CS ? D CS . ? A CS 22 ? 1_555 O     ? F HOH .  ? A HOH 153 ? 1_555 52.1  ? 
9   O4    ? A DT  4  ? A DT  4   ? 1_555 CS ? D CS . ? A CS 22 ? 1_555 O     ? F HOH .  ? A HOH 153 ? 1_555 130.3 ? 
10  N6    ? A DA  5  ? A DA  5   ? 1_555 CS ? D CS . ? A CS 22 ? 1_555 O     ? F HOH .  ? A HOH 153 ? 1_555 155.7 ? 
11  O6    ? A DG  3  ? A DG  3   ? 1_555 CS ? D CS . ? A CS 22 ? 1_555 O     ? F HOH .  ? A HOH 159 ? 1_555 110.3 ? 
12  N7    ? A DG  3  ? A DG  3   ? 1_555 CS ? D CS . ? A CS 22 ? 1_555 O     ? F HOH .  ? A HOH 159 ? 1_555 61.9  ? 
13  O4    ? A DT  4  ? A DT  4   ? 1_555 CS ? D CS . ? A CS 22 ? 1_555 O     ? F HOH .  ? A HOH 159 ? 1_555 92.4  ? 
14  N6    ? A DA  5  ? A DA  5   ? 1_555 CS ? D CS . ? A CS 22 ? 1_555 O     ? F HOH .  ? A HOH 159 ? 1_555 119.9 ? 
15  O     ? F HOH .  ? A HOH 153 ? 1_555 CS ? D CS . ? A CS 22 ? 1_555 O     ? F HOH .  ? A HOH 159 ? 1_555 84.4  ? 
16  O6    ? A DG  3  ? A DG  3   ? 1_555 CS ? D CS . ? A CS 22 ? 1_555 O     ? F HOH .  ? A HOH 191 ? 1_555 127.9 ? 
17  N7    ? A DG  3  ? A DG  3   ? 1_555 CS ? D CS . ? A CS 22 ? 1_555 O     ? F HOH .  ? A HOH 191 ? 1_555 128.3 ? 
18  O4    ? A DT  4  ? A DT  4   ? 1_555 CS ? D CS . ? A CS 22 ? 1_555 O     ? F HOH .  ? A HOH 191 ? 1_555 66.7  ? 
19  N6    ? A DA  5  ? A DA  5   ? 1_555 CS ? D CS . ? A CS 22 ? 1_555 O     ? F HOH .  ? A HOH 191 ? 1_555 44.4  ? 
20  O     ? F HOH .  ? A HOH 153 ? 1_555 CS ? D CS . ? A CS 22 ? 1_555 O     ? F HOH .  ? A HOH 191 ? 1_555 156.4 ? 
21  O     ? F HOH .  ? A HOH 159 ? 1_555 CS ? D CS . ? A CS 22 ? 1_555 O     ? F HOH .  ? A HOH 191 ? 1_555 78.1  ? 
22  O6    ? A DG  3  ? A DG  3   ? 1_555 CS ? D CS . ? A CS 22 ? 1_555 O     ? G HOH .  ? B HOH 164 ? 1_555 145.0 ? 
23  N7    ? A DG  3  ? A DG  3   ? 1_555 CS ? D CS . ? A CS 22 ? 1_555 O     ? G HOH .  ? B HOH 164 ? 1_555 162.8 ? 
24  O4    ? A DT  4  ? A DT  4   ? 1_555 CS ? D CS . ? A CS 22 ? 1_555 O     ? G HOH .  ? B HOH 164 ? 1_555 105.0 ? 
25  N6    ? A DA  5  ? A DA  5   ? 1_555 CS ? D CS . ? A CS 22 ? 1_555 O     ? G HOH .  ? B HOH 164 ? 1_555 54.4  ? 
26  O     ? F HOH .  ? A HOH 153 ? 1_555 CS ? D CS . ? A CS 22 ? 1_555 O     ? G HOH .  ? B HOH 164 ? 1_555 124.2 ? 
27  O     ? F HOH .  ? A HOH 159 ? 1_555 CS ? D CS . ? A CS 22 ? 1_555 O     ? G HOH .  ? B HOH 164 ? 1_555 102.1 ? 
28  O     ? F HOH .  ? A HOH 191 ? 1_555 CS ? D CS . ? A CS 22 ? 1_555 O     ? G HOH .  ? B HOH 164 ? 1_555 46.6  ? 
29  O6    ? A DG  3  ? A DG  3   ? 1_555 CS ? D CS . ? A CS 22 ? 1_555 O     ? G HOH .  ? B HOH 192 ? 1_555 152.5 ? 
30  N7    ? A DG  3  ? A DG  3   ? 1_555 CS ? D CS . ? A CS 22 ? 1_555 O     ? G HOH .  ? B HOH 192 ? 1_555 133.0 ? 
31  O4    ? A DT  4  ? A DT  4   ? 1_555 CS ? D CS . ? A CS 22 ? 1_555 O     ? G HOH .  ? B HOH 192 ? 1_555 138.5 ? 
32  N6    ? A DA  5  ? A DA  5   ? 1_555 CS ? D CS . ? A CS 22 ? 1_555 O     ? G HOH .  ? B HOH 192 ? 1_555 88.7  ? 
33  O     ? F HOH .  ? A HOH 153 ? 1_555 CS ? D CS . ? A CS 22 ? 1_555 O     ? G HOH .  ? B HOH 192 ? 1_555 91.1  ? 
34  O     ? F HOH .  ? A HOH 159 ? 1_555 CS ? D CS . ? A CS 22 ? 1_555 O     ? G HOH .  ? B HOH 192 ? 1_555 89.7  ? 
35  O     ? F HOH .  ? A HOH 191 ? 1_555 CS ? D CS . ? A CS 22 ? 1_555 O     ? G HOH .  ? B HOH 192 ? 1_555 73.3  ? 
36  O     ? G HOH .  ? B HOH 164 ? 1_555 CS ? D CS . ? A CS 22 ? 1_555 O     ? G HOH .  ? B HOH 192 ? 1_555 34.7  ? 
37  O6    ? A DG  3  ? A DG  3   ? 1_555 CS ? D CS . ? A CS 22 ? 1_555 O     ? G HOH .  ? B HOH 193 ? 1_555 87.8  ? 
38  N7    ? A DG  3  ? A DG  3   ? 1_555 CS ? D CS . ? A CS 22 ? 1_555 O     ? G HOH .  ? B HOH 193 ? 1_555 127.5 ? 
39  O4    ? A DT  4  ? A DT  4   ? 1_555 CS ? D CS . ? A CS 22 ? 1_555 O     ? G HOH .  ? B HOH 193 ? 1_555 108.9 ? 
40  N6    ? A DA  5  ? A DA  5   ? 1_555 CS ? D CS . ? A CS 22 ? 1_555 O     ? G HOH .  ? B HOH 193 ? 1_555 69.4  ? 
41  O     ? F HOH .  ? A HOH 153 ? 1_555 CS ? D CS . ? A CS 22 ? 1_555 O     ? G HOH .  ? B HOH 193 ? 1_555 87.9  ? 
42  O     ? F HOH .  ? A HOH 159 ? 1_555 CS ? D CS . ? A CS 22 ? 1_555 O     ? G HOH .  ? B HOH 193 ? 1_555 157.0 ? 
43  O     ? F HOH .  ? A HOH 191 ? 1_555 CS ? D CS . ? A CS 22 ? 1_555 O     ? G HOH .  ? B HOH 193 ? 1_555 102.2 ? 
44  O     ? G HOH .  ? B HOH 164 ? 1_555 CS ? D CS . ? A CS 22 ? 1_555 O     ? G HOH .  ? B HOH 193 ? 1_555 65.0  ? 
45  O     ? G HOH .  ? B HOH 192 ? 1_555 CS ? D CS . ? A CS 22 ? 1_555 O     ? G HOH .  ? B HOH 193 ? 1_555 68.8  ? 
46  "O3'" ? A DG  9  ? A DG  9   ? 1_555 CS ? C CS . ? A CS 21 ? 1_555 OP1   ? A DC  10 ? A DC  10  ? 1_555 46.7  ? 
47  "O3'" ? A DG  9  ? A DG  9   ? 1_555 CS ? C CS . ? A CS 21 ? 1_555 O     ? F HOH .  ? A HOH 123 ? 2_555 99.7  ? 
48  OP1   ? A DC  10 ? A DC  10  ? 1_555 CS ? C CS . ? A CS 21 ? 1_555 O     ? F HOH .  ? A HOH 123 ? 2_555 88.8  ? 
49  "O3'" ? A DG  9  ? A DG  9   ? 1_555 CS ? C CS . ? A CS 21 ? 1_555 "O3'" ? B DT  4  ? B DT  14  ? 4_556 112.4 ? 
50  OP1   ? A DC  10 ? A DC  10  ? 1_555 CS ? C CS . ? A CS 21 ? 1_555 "O3'" ? B DT  4  ? B DT  14  ? 4_556 68.6  ? 
51  O     ? F HOH .  ? A HOH 123 ? 2_555 CS ? C CS . ? A CS 21 ? 1_555 "O3'" ? B DT  4  ? B DT  14  ? 4_556 95.6  ? 
52  "O3'" ? A DG  9  ? A DG  9   ? 1_555 CS ? C CS . ? A CS 21 ? 1_555 OP1   ? B DA  5  ? B DA  15  ? 4_556 153.6 ? 
53  OP1   ? A DC  10 ? A DC  10  ? 1_555 CS ? C CS . ? A CS 21 ? 1_555 OP1   ? B DA  5  ? B DA  15  ? 4_556 107.1 ? 
54  O     ? F HOH .  ? A HOH 123 ? 2_555 CS ? C CS . ? A CS 21 ? 1_555 OP1   ? B DA  5  ? B DA  15  ? 4_556 72.8  ? 
55  "O3'" ? B DT  4  ? B DT  14  ? 4_556 CS ? C CS . ? A CS 21 ? 1_555 OP1   ? B DA  5  ? B DA  15  ? 4_556 45.6  ? 
56  "O3'" ? A DG  9  ? A DG  9   ? 1_555 CS ? C CS . ? A CS 21 ? 1_555 OP1   ? B DC  10 ? B DC  20  ? 3_555 92.9  ? 
57  OP1   ? A DC  10 ? A DC  10  ? 1_555 CS ? C CS . ? A CS 21 ? 1_555 OP1   ? B DC  10 ? B DC  20  ? 3_555 132.8 ? 
58  O     ? F HOH .  ? A HOH 123 ? 2_555 CS ? C CS . ? A CS 21 ? 1_555 OP1   ? B DC  10 ? B DC  20  ? 3_555 73.2  ? 
59  "O3'" ? B DT  4  ? B DT  14  ? 4_556 CS ? C CS . ? A CS 21 ? 1_555 OP1   ? B DC  10 ? B DC  20  ? 3_555 153.9 ? 
60  OP1   ? B DA  5  ? B DA  15  ? 4_556 CS ? C CS . ? A CS 21 ? 1_555 OP1   ? B DC  10 ? B DC  20  ? 3_555 108.3 ? 
61  "O3'" ? A DG  9  ? A DG  9   ? 1_555 CS ? C CS . ? A CS 21 ? 1_555 OP2   ? B DC  10 ? B DC  20  ? 3_555 82.4  ? 
62  OP1   ? A DC  10 ? A DC  10  ? 1_555 CS ? C CS . ? A CS 21 ? 1_555 OP2   ? B DC  10 ? B DC  20  ? 3_555 127.3 ? 
63  O     ? F HOH .  ? A HOH 123 ? 2_555 CS ? C CS . ? A CS 21 ? 1_555 OP2   ? B DC  10 ? B DC  20  ? 3_555 116.9 ? 
64  "O3'" ? B DT  4  ? B DT  14  ? 4_556 CS ? C CS . ? A CS 21 ? 1_555 OP2   ? B DC  10 ? B DC  20  ? 3_555 142.1 ? 
65  OP1   ? B DA  5  ? B DA  15  ? 4_556 CS ? C CS . ? A CS 21 ? 1_555 OP2   ? B DC  10 ? B DC  20  ? 3_555 123.7 ? 
66  OP1   ? B DC  10 ? B DC  20  ? 3_555 CS ? C CS . ? A CS 21 ? 1_555 OP2   ? B DC  10 ? B DC  20  ? 3_555 43.8  ? 
67  "O3'" ? A DG  9  ? A DG  9   ? 1_555 CS ? C CS . ? A CS 21 ? 1_555 O     ? G HOH .  ? B HOH 120 ? 3_555 69.9  ? 
68  OP1   ? A DC  10 ? A DC  10  ? 1_555 CS ? C CS . ? A CS 21 ? 1_555 O     ? G HOH .  ? B HOH 120 ? 3_555 93.8  ? 
69  O     ? F HOH .  ? A HOH 123 ? 2_555 CS ? C CS . ? A CS 21 ? 1_555 O     ? G HOH .  ? B HOH 120 ? 3_555 47.2  ? 
70  "O3'" ? B DT  4  ? B DT  14  ? 4_556 CS ? C CS . ? A CS 21 ? 1_555 O     ? G HOH .  ? B HOH 120 ? 3_555 140.4 ? 
71  OP1   ? B DA  5  ? B DA  15  ? 4_556 CS ? C CS . ? A CS 21 ? 1_555 O     ? G HOH .  ? B HOH 120 ? 3_555 115.9 ? 
72  OP1   ? B DC  10 ? B DC  20  ? 3_555 CS ? C CS . ? A CS 21 ? 1_555 O     ? G HOH .  ? B HOH 120 ? 3_555 42.3  ? 
73  OP2   ? B DC  10 ? B DC  20  ? 3_555 CS ? C CS . ? A CS 21 ? 1_555 O     ? G HOH .  ? B HOH 120 ? 3_555 77.0  ? 
74  "O3'" ? A DG  9  ? A DG  9   ? 1_555 CS ? C CS . ? A CS 21 ? 1_555 O     ? G HOH .  ? B HOH 161 ? 4_556 155.8 ? 
75  OP1   ? A DC  10 ? A DC  10  ? 1_555 CS ? C CS . ? A CS 21 ? 1_555 O     ? G HOH .  ? B HOH 161 ? 4_556 147.3 ? 
76  O     ? F HOH .  ? A HOH 123 ? 2_555 CS ? C CS . ? A CS 21 ? 1_555 O     ? G HOH .  ? B HOH 161 ? 4_556 100.1 ? 
77  "O3'" ? B DT  4  ? B DT  14  ? 4_556 CS ? C CS . ? A CS 21 ? 1_555 O     ? G HOH .  ? B HOH 161 ? 4_556 79.3  ? 
78  OP1   ? B DA  5  ? B DA  15  ? 4_556 CS ? C CS . ? A CS 21 ? 1_555 O     ? G HOH .  ? B HOH 161 ? 4_556 48.0  ? 
79  OP1   ? B DC  10 ? B DC  20  ? 3_555 CS ? C CS . ? A CS 21 ? 1_555 O     ? G HOH .  ? B HOH 161 ? 4_556 79.7  ? 
80  OP2   ? B DC  10 ? B DC  20  ? 3_555 CS ? C CS . ? A CS 21 ? 1_555 O     ? G HOH .  ? B HOH 161 ? 4_556 76.3  ? 
81  O     ? G HOH .  ? B HOH 120 ? 3_555 CS ? C CS . ? A CS 21 ? 1_555 O     ? G HOH .  ? B HOH 161 ? 4_556 115.3 ? 
82  "O3'" ? A DG  9  ? A DG  9   ? 1_555 CS ? C CS . ? A CS 21 ? 1_555 O     ? G HOH .  ? B HOH 179 ? 3_555 55.2  ? 
83  OP1   ? A DC  10 ? A DC  10  ? 1_555 CS ? C CS . ? A CS 21 ? 1_555 O     ? G HOH .  ? B HOH 179 ? 3_555 101.8 ? 
84  O     ? F HOH .  ? A HOH 123 ? 2_555 CS ? C CS . ? A CS 21 ? 1_555 O     ? G HOH .  ? B HOH 179 ? 3_555 101.0 ? 
85  "O3'" ? B DT  4  ? B DT  14  ? 4_556 CS ? C CS . ? A CS 21 ? 1_555 O     ? G HOH .  ? B HOH 179 ? 3_555 160.7 ? 
86  OP1   ? B DA  5  ? B DA  15  ? 4_556 CS ? C CS . ? A CS 21 ? 1_555 O     ? G HOH .  ? B HOH 179 ? 3_555 150.1 ? 
87  OP1   ? B DC  10 ? B DC  20  ? 3_555 CS ? C CS . ? A CS 21 ? 1_555 O     ? G HOH .  ? B HOH 179 ? 3_555 43.6  ? 
88  OP2   ? B DC  10 ? B DC  20  ? 3_555 CS ? C CS . ? A CS 21 ? 1_555 O     ? G HOH .  ? B HOH 179 ? 3_555 32.5  ? 
89  O     ? G HOH .  ? B HOH 120 ? 3_555 CS ? C CS . ? A CS 21 ? 1_555 O     ? G HOH .  ? B HOH 179 ? 3_555 54.0  ? 
90  O     ? G HOH .  ? B HOH 161 ? 4_556 CS ? C CS . ? A CS 21 ? 1_555 O     ? G HOH .  ? B HOH 179 ? 3_555 107.1 ? 
91  "O3'" ? A DG  9  ? A DG  9   ? 1_555 CS ? C CS . ? A CS 21 ? 1_555 O     ? G HOH .  ? B HOH 190 ? 3_555 81.1  ? 
92  OP1   ? A DC  10 ? A DC  10  ? 1_555 CS ? C CS . ? A CS 21 ? 1_555 O     ? G HOH .  ? B HOH 190 ? 3_555 87.0  ? 
93  O     ? F HOH .  ? A HOH 123 ? 2_555 CS ? C CS . ? A CS 21 ? 1_555 O     ? G HOH .  ? B HOH 190 ? 3_555 173.5 ? 
94  "O3'" ? B DT  4  ? B DT  14  ? 4_556 CS ? C CS . ? A CS 21 ? 1_555 O     ? G HOH .  ? B HOH 190 ? 3_555 78.2  ? 
95  OP1   ? B DA  5  ? B DA  15  ? 4_556 CS ? C CS . ? A CS 21 ? 1_555 O     ? G HOH .  ? B HOH 190 ? 3_555 103.6 ? 
96  OP1   ? B DC  10 ? B DC  20  ? 3_555 CS ? C CS . ? A CS 21 ? 1_555 O     ? G HOH .  ? B HOH 190 ? 3_555 113.3 ? 
97  OP2   ? B DC  10 ? B DC  20  ? 3_555 CS ? C CS . ? A CS 21 ? 1_555 O     ? G HOH .  ? B HOH 190 ? 3_555 69.7  ? 
98  O     ? G HOH .  ? B HOH 120 ? 3_555 CS ? C CS . ? A CS 21 ? 1_555 O     ? G HOH .  ? B HOH 190 ? 3_555 138.1 ? 
99  O     ? G HOH .  ? B HOH 161 ? 4_556 CS ? C CS . ? A CS 21 ? 1_555 O     ? G HOH .  ? B HOH 190 ? 3_555 80.9  ? 
100 O     ? G HOH .  ? B HOH 179 ? 3_555 CS ? C CS . ? A CS 21 ? 1_555 O     ? G HOH .  ? B HOH 190 ? 3_555 84.8  ? 
101 OP2   ? A DC  10 ? A DC  10  ? 1_555 CS ? E CS . ? A CS 23 ? 1_555 OP1   ? A DC  10 ? A DC  10  ? 1_555 41.8  ? 
102 OP2   ? A DC  10 ? A DC  10  ? 1_555 CS ? E CS . ? A CS 23 ? 1_555 O     ? F HOH .  ? A HOH 131 ? 3_655 142.6 ? 
103 OP1   ? A DC  10 ? A DC  10  ? 1_555 CS ? E CS . ? A CS 23 ? 1_555 O     ? F HOH .  ? A HOH 131 ? 3_655 132.4 ? 
104 OP2   ? A DC  10 ? A DC  10  ? 1_555 CS ? E CS . ? A CS 23 ? 1_555 "O4'" ? B DT  4  ? B DT  14  ? 4_556 113.2 ? 
105 OP1   ? A DC  10 ? A DC  10  ? 1_555 CS ? E CS . ? A CS 23 ? 1_555 "O4'" ? B DT  4  ? B DT  14  ? 4_556 71.6  ? 
106 O     ? F HOH .  ? A HOH 131 ? 3_655 CS ? E CS . ? A CS 23 ? 1_555 "O4'" ? B DT  4  ? B DT  14  ? 4_556 80.6  ? 
107 OP2   ? A DC  10 ? A DC  10  ? 1_555 CS ? E CS . ? A CS 23 ? 1_555 "O3'" ? B DC  10 ? B DC  20  ? 2_555 97.8  ? 
108 OP1   ? A DC  10 ? A DC  10  ? 1_555 CS ? E CS . ? A CS 23 ? 1_555 "O3'" ? B DC  10 ? B DC  20  ? 2_555 101.4 ? 
109 O     ? F HOH .  ? A HOH 131 ? 3_655 CS ? E CS . ? A CS 23 ? 1_555 "O3'" ? B DC  10 ? B DC  20  ? 2_555 117.2 ? 
110 "O4'" ? B DT  4  ? B DT  14  ? 4_556 CS ? E CS . ? A CS 23 ? 1_555 "O3'" ? B DC  10 ? B DC  20  ? 2_555 91.0  ? 
111 OP2   ? A DC  10 ? A DC  10  ? 1_555 CS ? E CS . ? A CS 23 ? 1_555 O     ? G HOH .  ? B HOH 125 ? 4_556 161.7 ? 
112 OP1   ? A DC  10 ? A DC  10  ? 1_555 CS ? E CS . ? A CS 23 ? 1_555 O     ? G HOH .  ? B HOH 125 ? 4_556 139.9 ? 
113 O     ? F HOH .  ? A HOH 131 ? 3_655 CS ? E CS . ? A CS 23 ? 1_555 O     ? G HOH .  ? B HOH 125 ? 4_556 54.1  ? 
114 "O4'" ? B DT  4  ? B DT  14  ? 4_556 CS ? E CS . ? A CS 23 ? 1_555 O     ? G HOH .  ? B HOH 125 ? 4_556 71.6  ? 
115 "O3'" ? B DC  10 ? B DC  20  ? 2_555 CS ? E CS . ? A CS 23 ? 1_555 O     ? G HOH .  ? B HOH 125 ? 4_556 64.1  ? 
116 OP2   ? A DC  10 ? A DC  10  ? 1_555 CS ? E CS . ? A CS 23 ? 1_555 O     ? G HOH .  ? B HOH 128 ? 2_555 106.2 ? 
117 OP1   ? A DC  10 ? A DC  10  ? 1_555 CS ? E CS . ? A CS 23 ? 1_555 O     ? G HOH .  ? B HOH 128 ? 2_555 135.9 ? 
118 O     ? F HOH .  ? A HOH 131 ? 3_655 CS ? E CS . ? A CS 23 ? 1_555 O     ? G HOH .  ? B HOH 128 ? 2_555 91.7  ? 
119 "O4'" ? B DT  4  ? B DT  14  ? 4_556 CS ? E CS . ? A CS 23 ? 1_555 O     ? G HOH .  ? B HOH 128 ? 2_555 123.6 ? 
120 "O3'" ? B DC  10 ? B DC  20  ? 2_555 CS ? E CS . ? A CS 23 ? 1_555 O     ? G HOH .  ? B HOH 128 ? 2_555 44.2  ? 
121 O     ? G HOH .  ? B HOH 125 ? 4_556 CS ? E CS . ? A CS 23 ? 1_555 O     ? G HOH .  ? B HOH 128 ? 2_555 59.6  ? 
# 
loop_
_struct_site.id 
_struct_site.pdbx_evidence_code 
_struct_site.pdbx_auth_asym_id 
_struct_site.pdbx_auth_comp_id 
_struct_site.pdbx_auth_seq_id 
_struct_site.pdbx_auth_ins_code 
_struct_site.pdbx_num_residues 
_struct_site.details 
AC1 Software A CS 21 ? 7 'BINDING SITE FOR RESIDUE CS A 21' 
AC2 Software A CS 22 ? 4 'BINDING SITE FOR RESIDUE CS A 22' 
AC3 Software A CS 23 ? 4 'BINDING SITE FOR RESIDUE CS A 23' 
# 
loop_
_struct_site_gen.id 
_struct_site_gen.site_id 
_struct_site_gen.pdbx_num_res 
_struct_site_gen.label_comp_id 
_struct_site_gen.label_asym_id 
_struct_site_gen.label_seq_id 
_struct_site_gen.pdbx_auth_ins_code 
_struct_site_gen.auth_comp_id 
_struct_site_gen.auth_asym_id 
_struct_site_gen.auth_seq_id 
_struct_site_gen.label_atom_id 
_struct_site_gen.label_alt_id 
_struct_site_gen.symmetry 
_struct_site_gen.details 
1  AC1 7 DG  A 9  ? DG  A 9   . ? 1_555 ? 
2  AC1 7 DC  A 10 ? DC  A 10  . ? 1_555 ? 
3  AC1 7 DT  B 4  ? DT  B 14  . ? 4_556 ? 
4  AC1 7 DA  B 5  ? DA  B 15  . ? 4_556 ? 
5  AC1 7 DC  B 10 ? DC  B 20  . ? 3_555 ? 
6  AC1 7 HOH G .  ? HOH B 179 . ? 3_555 ? 
7  AC1 7 HOH G .  ? HOH B 190 . ? 3_555 ? 
8  AC2 4 DG  A 3  ? DG  A 3   . ? 1_555 ? 
9  AC2 4 DT  A 4  ? DT  A 4   . ? 1_555 ? 
10 AC2 4 HOH F .  ? HOH A 191 . ? 1_555 ? 
11 AC2 4 HOH G .  ? HOH B 192 . ? 1_555 ? 
12 AC3 4 DC  A 10 ? DC  A 10  . ? 1_555 ? 
13 AC3 4 HOH F .  ? HOH A 131 . ? 3_655 ? 
14 AC3 4 DT  B 4  ? DT  B 14  . ? 4_556 ? 
15 AC3 4 DC  B 10 ? DC  B 20  . ? 2_555 ? 
# 
loop_
_pdbx_validate_close_contact.id 
_pdbx_validate_close_contact.PDB_model_num 
_pdbx_validate_close_contact.auth_atom_id_1 
_pdbx_validate_close_contact.auth_asym_id_1 
_pdbx_validate_close_contact.auth_comp_id_1 
_pdbx_validate_close_contact.auth_seq_id_1 
_pdbx_validate_close_contact.PDB_ins_code_1 
_pdbx_validate_close_contact.label_alt_id_1 
_pdbx_validate_close_contact.auth_atom_id_2 
_pdbx_validate_close_contact.auth_asym_id_2 
_pdbx_validate_close_contact.auth_comp_id_2 
_pdbx_validate_close_contact.auth_seq_id_2 
_pdbx_validate_close_contact.PDB_ins_code_2 
_pdbx_validate_close_contact.label_alt_id_2 
_pdbx_validate_close_contact.dist 
1  1 O     A HOH 133 ? ? O A HOH 173 ? ? 1.09 
2  1 O     B HOH 174 ? ? O B HOH 182 ? ? 1.39 
3  1 OP1   B DG  13  ? ? O B HOH 148 ? ? 1.59 
4  1 N3    B DA  17  ? ? O B HOH 189 ? ? 1.59 
5  1 O     A HOH 113 ? ? O A HOH 146 ? ? 1.66 
6  1 O     A HOH 110 ? ? O A HOH 172 ? ? 1.67 
7  1 O     B HOH 143 ? ? O B HOH 188 ? ? 1.72 
8  1 OP2   B DC  20  ? ? O B HOH 179 ? ? 1.74 
9  1 O     B HOH 178 ? ? O B HOH 189 ? ? 1.77 
10 1 O     A HOH 119 ? ? O A HOH 176 ? ? 1.82 
11 1 N6    B DA  15  ? ? O B HOH 164 ? ? 1.89 
12 1 "C1'" B DG  13  ? ? O B HOH 135 ? ? 1.90 
13 1 C2    A DA  5   ? ? O B HOH 158 ? ? 1.96 
14 1 O     B HOH 141 ? ? O B HOH 162 ? ? 1.97 
15 1 "C5'" A DG  3   ? ? O A HOH 176 ? ? 2.02 
16 1 "C5'" A DT  4   ? ? O A HOH 175 ? ? 2.04 
17 1 O     B HOH 125 ? ? O B HOH 135 ? ? 2.10 
18 1 OP1   B DT  14  ? ? O B HOH 140 ? ? 2.15 
19 1 O     B HOH 164 ? ? O B HOH 192 ? ? 2.16 
20 1 "C5'" B T23 16  ? ? O B HOH 154 ? ? 2.18 
# 
loop_
_pdbx_validate_symm_contact.id 
_pdbx_validate_symm_contact.PDB_model_num 
_pdbx_validate_symm_contact.auth_atom_id_1 
_pdbx_validate_symm_contact.auth_asym_id_1 
_pdbx_validate_symm_contact.auth_comp_id_1 
_pdbx_validate_symm_contact.auth_seq_id_1 
_pdbx_validate_symm_contact.PDB_ins_code_1 
_pdbx_validate_symm_contact.label_alt_id_1 
_pdbx_validate_symm_contact.site_symmetry_1 
_pdbx_validate_symm_contact.auth_atom_id_2 
_pdbx_validate_symm_contact.auth_asym_id_2 
_pdbx_validate_symm_contact.auth_comp_id_2 
_pdbx_validate_symm_contact.auth_seq_id_2 
_pdbx_validate_symm_contact.PDB_ins_code_2 
_pdbx_validate_symm_contact.label_alt_id_2 
_pdbx_validate_symm_contact.site_symmetry_2 
_pdbx_validate_symm_contact.dist 
1 1 O A HOH 130 ? ? 1_555 O B HOH 136 ? ? 3_545 1.65 
2 1 O A HOH 133 ? ? 1_555 O A HOH 138 ? ? 2_555 1.90 
3 1 O A HOH 126 ? ? 1_555 O A HOH 172 ? ? 2_554 1.93 
4 1 O A HOH 133 ? ? 1_555 O A HOH 175 ? ? 2_555 2.16 
# 
loop_
_chem_comp_atom.comp_id 
_chem_comp_atom.atom_id 
_chem_comp_atom.type_symbol 
_chem_comp_atom.pdbx_aromatic_flag 
_chem_comp_atom.pdbx_stereo_config 
_chem_comp_atom.pdbx_ordinal 
CS  CS     CS N N 1   
DA  OP3    O  N N 2   
DA  P      P  N N 3   
DA  OP1    O  N N 4   
DA  OP2    O  N N 5   
DA  "O5'"  O  N N 6   
DA  "C5'"  C  N N 7   
DA  "C4'"  C  N R 8   
DA  "O4'"  O  N N 9   
DA  "C3'"  C  N S 10  
DA  "O3'"  O  N N 11  
DA  "C2'"  C  N N 12  
DA  "C1'"  C  N R 13  
DA  N9     N  Y N 14  
DA  C8     C  Y N 15  
DA  N7     N  Y N 16  
DA  C5     C  Y N 17  
DA  C6     C  Y N 18  
DA  N6     N  N N 19  
DA  N1     N  Y N 20  
DA  C2     C  Y N 21  
DA  N3     N  Y N 22  
DA  C4     C  Y N 23  
DA  HOP3   H  N N 24  
DA  HOP2   H  N N 25  
DA  "H5'"  H  N N 26  
DA  "H5''" H  N N 27  
DA  "H4'"  H  N N 28  
DA  "H3'"  H  N N 29  
DA  "HO3'" H  N N 30  
DA  "H2'"  H  N N 31  
DA  "H2''" H  N N 32  
DA  "H1'"  H  N N 33  
DA  H8     H  N N 34  
DA  H61    H  N N 35  
DA  H62    H  N N 36  
DA  H2     H  N N 37  
DC  OP3    O  N N 38  
DC  P      P  N N 39  
DC  OP1    O  N N 40  
DC  OP2    O  N N 41  
DC  "O5'"  O  N N 42  
DC  "C5'"  C  N N 43  
DC  "C4'"  C  N R 44  
DC  "O4'"  O  N N 45  
DC  "C3'"  C  N S 46  
DC  "O3'"  O  N N 47  
DC  "C2'"  C  N N 48  
DC  "C1'"  C  N R 49  
DC  N1     N  N N 50  
DC  C2     C  N N 51  
DC  O2     O  N N 52  
DC  N3     N  N N 53  
DC  C4     C  N N 54  
DC  N4     N  N N 55  
DC  C5     C  N N 56  
DC  C6     C  N N 57  
DC  HOP3   H  N N 58  
DC  HOP2   H  N N 59  
DC  "H5'"  H  N N 60  
DC  "H5''" H  N N 61  
DC  "H4'"  H  N N 62  
DC  "H3'"  H  N N 63  
DC  "HO3'" H  N N 64  
DC  "H2'"  H  N N 65  
DC  "H2''" H  N N 66  
DC  "H1'"  H  N N 67  
DC  H41    H  N N 68  
DC  H42    H  N N 69  
DC  H5     H  N N 70  
DC  H6     H  N N 71  
DG  OP3    O  N N 72  
DG  P      P  N N 73  
DG  OP1    O  N N 74  
DG  OP2    O  N N 75  
DG  "O5'"  O  N N 76  
DG  "C5'"  C  N N 77  
DG  "C4'"  C  N R 78  
DG  "O4'"  O  N N 79  
DG  "C3'"  C  N S 80  
DG  "O3'"  O  N N 81  
DG  "C2'"  C  N N 82  
DG  "C1'"  C  N R 83  
DG  N9     N  Y N 84  
DG  C8     C  Y N 85  
DG  N7     N  Y N 86  
DG  C5     C  Y N 87  
DG  C6     C  N N 88  
DG  O6     O  N N 89  
DG  N1     N  N N 90  
DG  C2     C  N N 91  
DG  N2     N  N N 92  
DG  N3     N  N N 93  
DG  C4     C  Y N 94  
DG  HOP3   H  N N 95  
DG  HOP2   H  N N 96  
DG  "H5'"  H  N N 97  
DG  "H5''" H  N N 98  
DG  "H4'"  H  N N 99  
DG  "H3'"  H  N N 100 
DG  "HO3'" H  N N 101 
DG  "H2'"  H  N N 102 
DG  "H2''" H  N N 103 
DG  "H1'"  H  N N 104 
DG  H8     H  N N 105 
DG  H1     H  N N 106 
DG  H21    H  N N 107 
DG  H22    H  N N 108 
DT  OP3    O  N N 109 
DT  P      P  N N 110 
DT  OP1    O  N N 111 
DT  OP2    O  N N 112 
DT  "O5'"  O  N N 113 
DT  "C5'"  C  N N 114 
DT  "C4'"  C  N R 115 
DT  "O4'"  O  N N 116 
DT  "C3'"  C  N S 117 
DT  "O3'"  O  N N 118 
DT  "C2'"  C  N N 119 
DT  "C1'"  C  N R 120 
DT  N1     N  N N 121 
DT  C2     C  N N 122 
DT  O2     O  N N 123 
DT  N3     N  N N 124 
DT  C4     C  N N 125 
DT  O4     O  N N 126 
DT  C5     C  N N 127 
DT  C7     C  N N 128 
DT  C6     C  N N 129 
DT  HOP3   H  N N 130 
DT  HOP2   H  N N 131 
DT  "H5'"  H  N N 132 
DT  "H5''" H  N N 133 
DT  "H4'"  H  N N 134 
DT  "H3'"  H  N N 135 
DT  "HO3'" H  N N 136 
DT  "H2'"  H  N N 137 
DT  "H2''" H  N N 138 
DT  "H1'"  H  N N 139 
DT  H3     H  N N 140 
DT  H71    H  N N 141 
DT  H72    H  N N 142 
DT  H73    H  N N 143 
DT  H6     H  N N 144 
HOH O      O  N N 145 
HOH H1     H  N N 146 
HOH H2     H  N N 147 
T23 P      P  N N 148 
T23 OP1    O  N N 149 
T23 OP2    O  N N 150 
T23 OP3    O  N N 151 
T23 "O5'"  O  N N 152 
T23 N1     N  N N 153 
T23 C6     C  N N 154 
T23 C2     C  N N 155 
T23 O2     O  N N 156 
T23 N3     N  N N 157 
T23 C4     C  N N 158 
T23 O4     O  N N 159 
T23 C5     C  N N 160 
T23 C5M    C  N N 161 
T23 "C2'"  C  N R 162 
T23 "O2'"  O  N N 163 
T23 C2M    C  N N 164 
T23 "C5'"  C  N N 165 
T23 "C4'"  C  N S 166 
T23 "O4'"  O  N N 167 
T23 "C1'"  C  N R 168 
T23 "C3'"  C  N R 169 
T23 C3M    C  N N 170 
T23 HOP2   H  N N 171 
T23 HOP3   H  N N 172 
T23 H6     H  N N 173 
T23 H3     H  N N 174 
T23 H5A1   H  N N 175 
T23 H5A2   H  N N 176 
T23 H5A3   H  N N 177 
T23 "H2'"  H  N N 178 
T23 H2M1   H  N N 179 
T23 H2M2   H  N N 180 
T23 H2M3   H  N N 181 
T23 "H5'"  H  N N 182 
T23 "H5''" H  N N 183 
T23 "H4'"  H  N N 184 
T23 "H1'"  H  N N 185 
T23 "H3'"  H  N N 186 
T23 H3M1   H  N N 187 
T23 H3M2   H  N N 188 
T23 H3M3   H  N N 189 
# 
loop_
_chem_comp_bond.comp_id 
_chem_comp_bond.atom_id_1 
_chem_comp_bond.atom_id_2 
_chem_comp_bond.value_order 
_chem_comp_bond.pdbx_aromatic_flag 
_chem_comp_bond.pdbx_stereo_config 
_chem_comp_bond.pdbx_ordinal 
DA  OP3   P      sing N N 1   
DA  OP3   HOP3   sing N N 2   
DA  P     OP1    doub N N 3   
DA  P     OP2    sing N N 4   
DA  P     "O5'"  sing N N 5   
DA  OP2   HOP2   sing N N 6   
DA  "O5'" "C5'"  sing N N 7   
DA  "C5'" "C4'"  sing N N 8   
DA  "C5'" "H5'"  sing N N 9   
DA  "C5'" "H5''" sing N N 10  
DA  "C4'" "O4'"  sing N N 11  
DA  "C4'" "C3'"  sing N N 12  
DA  "C4'" "H4'"  sing N N 13  
DA  "O4'" "C1'"  sing N N 14  
DA  "C3'" "O3'"  sing N N 15  
DA  "C3'" "C2'"  sing N N 16  
DA  "C3'" "H3'"  sing N N 17  
DA  "O3'" "HO3'" sing N N 18  
DA  "C2'" "C1'"  sing N N 19  
DA  "C2'" "H2'"  sing N N 20  
DA  "C2'" "H2''" sing N N 21  
DA  "C1'" N9     sing N N 22  
DA  "C1'" "H1'"  sing N N 23  
DA  N9    C8     sing Y N 24  
DA  N9    C4     sing Y N 25  
DA  C8    N7     doub Y N 26  
DA  C8    H8     sing N N 27  
DA  N7    C5     sing Y N 28  
DA  C5    C6     sing Y N 29  
DA  C5    C4     doub Y N 30  
DA  C6    N6     sing N N 31  
DA  C6    N1     doub Y N 32  
DA  N6    H61    sing N N 33  
DA  N6    H62    sing N N 34  
DA  N1    C2     sing Y N 35  
DA  C2    N3     doub Y N 36  
DA  C2    H2     sing N N 37  
DA  N3    C4     sing Y N 38  
DC  OP3   P      sing N N 39  
DC  OP3   HOP3   sing N N 40  
DC  P     OP1    doub N N 41  
DC  P     OP2    sing N N 42  
DC  P     "O5'"  sing N N 43  
DC  OP2   HOP2   sing N N 44  
DC  "O5'" "C5'"  sing N N 45  
DC  "C5'" "C4'"  sing N N 46  
DC  "C5'" "H5'"  sing N N 47  
DC  "C5'" "H5''" sing N N 48  
DC  "C4'" "O4'"  sing N N 49  
DC  "C4'" "C3'"  sing N N 50  
DC  "C4'" "H4'"  sing N N 51  
DC  "O4'" "C1'"  sing N N 52  
DC  "C3'" "O3'"  sing N N 53  
DC  "C3'" "C2'"  sing N N 54  
DC  "C3'" "H3'"  sing N N 55  
DC  "O3'" "HO3'" sing N N 56  
DC  "C2'" "C1'"  sing N N 57  
DC  "C2'" "H2'"  sing N N 58  
DC  "C2'" "H2''" sing N N 59  
DC  "C1'" N1     sing N N 60  
DC  "C1'" "H1'"  sing N N 61  
DC  N1    C2     sing N N 62  
DC  N1    C6     sing N N 63  
DC  C2    O2     doub N N 64  
DC  C2    N3     sing N N 65  
DC  N3    C4     doub N N 66  
DC  C4    N4     sing N N 67  
DC  C4    C5     sing N N 68  
DC  N4    H41    sing N N 69  
DC  N4    H42    sing N N 70  
DC  C5    C6     doub N N 71  
DC  C5    H5     sing N N 72  
DC  C6    H6     sing N N 73  
DG  OP3   P      sing N N 74  
DG  OP3   HOP3   sing N N 75  
DG  P     OP1    doub N N 76  
DG  P     OP2    sing N N 77  
DG  P     "O5'"  sing N N 78  
DG  OP2   HOP2   sing N N 79  
DG  "O5'" "C5'"  sing N N 80  
DG  "C5'" "C4'"  sing N N 81  
DG  "C5'" "H5'"  sing N N 82  
DG  "C5'" "H5''" sing N N 83  
DG  "C4'" "O4'"  sing N N 84  
DG  "C4'" "C3'"  sing N N 85  
DG  "C4'" "H4'"  sing N N 86  
DG  "O4'" "C1'"  sing N N 87  
DG  "C3'" "O3'"  sing N N 88  
DG  "C3'" "C2'"  sing N N 89  
DG  "C3'" "H3'"  sing N N 90  
DG  "O3'" "HO3'" sing N N 91  
DG  "C2'" "C1'"  sing N N 92  
DG  "C2'" "H2'"  sing N N 93  
DG  "C2'" "H2''" sing N N 94  
DG  "C1'" N9     sing N N 95  
DG  "C1'" "H1'"  sing N N 96  
DG  N9    C8     sing Y N 97  
DG  N9    C4     sing Y N 98  
DG  C8    N7     doub Y N 99  
DG  C8    H8     sing N N 100 
DG  N7    C5     sing Y N 101 
DG  C5    C6     sing N N 102 
DG  C5    C4     doub Y N 103 
DG  C6    O6     doub N N 104 
DG  C6    N1     sing N N 105 
DG  N1    C2     sing N N 106 
DG  N1    H1     sing N N 107 
DG  C2    N2     sing N N 108 
DG  C2    N3     doub N N 109 
DG  N2    H21    sing N N 110 
DG  N2    H22    sing N N 111 
DG  N3    C4     sing N N 112 
DT  OP3   P      sing N N 113 
DT  OP3   HOP3   sing N N 114 
DT  P     OP1    doub N N 115 
DT  P     OP2    sing N N 116 
DT  P     "O5'"  sing N N 117 
DT  OP2   HOP2   sing N N 118 
DT  "O5'" "C5'"  sing N N 119 
DT  "C5'" "C4'"  sing N N 120 
DT  "C5'" "H5'"  sing N N 121 
DT  "C5'" "H5''" sing N N 122 
DT  "C4'" "O4'"  sing N N 123 
DT  "C4'" "C3'"  sing N N 124 
DT  "C4'" "H4'"  sing N N 125 
DT  "O4'" "C1'"  sing N N 126 
DT  "C3'" "O3'"  sing N N 127 
DT  "C3'" "C2'"  sing N N 128 
DT  "C3'" "H3'"  sing N N 129 
DT  "O3'" "HO3'" sing N N 130 
DT  "C2'" "C1'"  sing N N 131 
DT  "C2'" "H2'"  sing N N 132 
DT  "C2'" "H2''" sing N N 133 
DT  "C1'" N1     sing N N 134 
DT  "C1'" "H1'"  sing N N 135 
DT  N1    C2     sing N N 136 
DT  N1    C6     sing N N 137 
DT  C2    O2     doub N N 138 
DT  C2    N3     sing N N 139 
DT  N3    C4     sing N N 140 
DT  N3    H3     sing N N 141 
DT  C4    O4     doub N N 142 
DT  C4    C5     sing N N 143 
DT  C5    C7     sing N N 144 
DT  C5    C6     doub N N 145 
DT  C7    H71    sing N N 146 
DT  C7    H72    sing N N 147 
DT  C7    H73    sing N N 148 
DT  C6    H6     sing N N 149 
HOH O     H1     sing N N 150 
HOH O     H2     sing N N 151 
T23 P     OP1    doub N N 152 
T23 P     OP2    sing N N 153 
T23 P     OP3    sing N N 154 
T23 P     "O5'"  sing N N 155 
T23 OP2   HOP2   sing N N 156 
T23 OP3   HOP3   sing N N 157 
T23 "O5'" "C5'"  sing N N 158 
T23 N1    C6     sing N N 159 
T23 N1    C2     sing N N 160 
T23 N1    "C1'"  sing N N 161 
T23 C6    C5     doub N N 162 
T23 C6    H6     sing N N 163 
T23 C2    O2     doub N N 164 
T23 C2    N3     sing N N 165 
T23 N3    C4     sing N N 166 
T23 N3    H3     sing N N 167 
T23 C4    O4     doub N N 168 
T23 C4    C5     sing N N 169 
T23 C5    C5M    sing N N 170 
T23 C5M   H5A1   sing N N 171 
T23 C5M   H5A2   sing N N 172 
T23 C5M   H5A3   sing N N 173 
T23 "C2'" "O2'"  sing N N 174 
T23 "C2'" "C1'"  sing N N 175 
T23 "C2'" "C3'"  sing N N 176 
T23 "C2'" "H2'"  sing N N 177 
T23 "O2'" C2M    sing N N 178 
T23 C2M   H2M1   sing N N 179 
T23 C2M   H2M2   sing N N 180 
T23 C2M   H2M3   sing N N 181 
T23 "C5'" "C4'"  sing N N 182 
T23 "C5'" "H5'"  sing N N 183 
T23 "C5'" "H5''" sing N N 184 
T23 "C4'" "O4'"  sing N N 185 
T23 "C4'" "C3'"  sing N N 186 
T23 "C4'" "H4'"  sing N N 187 
T23 "O4'" "C1'"  sing N N 188 
T23 "C1'" "H1'"  sing N N 189 
T23 "C3'" C3M    sing N N 190 
T23 "C3'" "H3'"  sing N N 191 
T23 C3M   H3M1   sing N N 192 
T23 C3M   H3M2   sing N N 193 
T23 C3M   H3M3   sing N N 194 
# 
_ndb_struct_conf_na.entry_id   1I0J 
_ndb_struct_conf_na.feature    'a-form double helix' 
# 
loop_
_ndb_struct_na_base_pair.model_number 
_ndb_struct_na_base_pair.i_label_asym_id 
_ndb_struct_na_base_pair.i_label_comp_id 
_ndb_struct_na_base_pair.i_label_seq_id 
_ndb_struct_na_base_pair.i_symmetry 
_ndb_struct_na_base_pair.j_label_asym_id 
_ndb_struct_na_base_pair.j_label_comp_id 
_ndb_struct_na_base_pair.j_label_seq_id 
_ndb_struct_na_base_pair.j_symmetry 
_ndb_struct_na_base_pair.shear 
_ndb_struct_na_base_pair.stretch 
_ndb_struct_na_base_pair.stagger 
_ndb_struct_na_base_pair.buckle 
_ndb_struct_na_base_pair.propeller 
_ndb_struct_na_base_pair.opening 
_ndb_struct_na_base_pair.pair_number 
_ndb_struct_na_base_pair.pair_name 
_ndb_struct_na_base_pair.i_auth_asym_id 
_ndb_struct_na_base_pair.i_auth_seq_id 
_ndb_struct_na_base_pair.i_PDB_ins_code 
_ndb_struct_na_base_pair.j_auth_asym_id 
_ndb_struct_na_base_pair.j_auth_seq_id 
_ndb_struct_na_base_pair.j_PDB_ins_code 
_ndb_struct_na_base_pair.hbond_type_28 
_ndb_struct_na_base_pair.hbond_type_12 
1 A DG  1  1_555 B DC  10 1_555 -0.309 -0.046 0.200  -1.700 -6.260  0.302  1  A_DG1:DC20_B  A 1  ? B 20 ? 19 1 
1 A DC  2  1_555 B DG  9  1_555 0.064  -0.098 0.198  4.041  -9.408  1.434  2  A_DC2:DG19_B  A 2  ? B 19 ? 19 1 
1 A DG  3  1_555 B DC  8  1_555 -0.375 -0.116 0.071  -7.148 -12.392 1.267  3  A_DG3:DC18_B  A 3  ? B 18 ? 19 1 
1 A DT  4  1_555 B DA  7  1_555 -0.100 -0.132 -0.090 -3.954 -13.758 -0.091 4  A_DT4:DA17_B  A 4  ? B 17 ? 20 1 
1 A DA  5  1_555 B T23 6  1_555 0.242  -0.008 0.162  -3.598 -12.325 -5.525 5  A_DA5:T2316_B A 5  ? B 16 ? 20 1 
1 A T23 6  1_555 B DA  5  1_555 -0.202 -0.030 0.326  4.951  -12.738 6.013  6  A_T236:DA15_B A 6  ? B 15 ? 20 1 
1 A DA  7  1_555 B DT  4  1_555 0.096  -0.102 0.125  6.407  -12.232 4.277  7  A_DA7:DT14_B  A 7  ? B 14 ? 20 1 
1 A DC  8  1_555 B DG  3  1_555 0.122  -0.127 -0.062 8.310  -14.852 0.422  8  A_DC8:DG13_B  A 8  ? B 13 ? 19 1 
1 A DG  9  1_555 B DC  2  1_555 -0.159 -0.117 0.024  -5.847 -10.523 3.738  9  A_DG9:DC12_B  A 9  ? B 12 ? 19 1 
1 A DC  10 1_555 B DG  1  1_555 0.186  -0.077 0.117  -2.233 3.427   1.053  10 A_DC10:DG11_B A 10 ? B 11 ? 19 1 
# 
loop_
_ndb_struct_na_base_pair_step.model_number 
_ndb_struct_na_base_pair_step.i_label_asym_id_1 
_ndb_struct_na_base_pair_step.i_label_comp_id_1 
_ndb_struct_na_base_pair_step.i_label_seq_id_1 
_ndb_struct_na_base_pair_step.i_symmetry_1 
_ndb_struct_na_base_pair_step.j_label_asym_id_1 
_ndb_struct_na_base_pair_step.j_label_comp_id_1 
_ndb_struct_na_base_pair_step.j_label_seq_id_1 
_ndb_struct_na_base_pair_step.j_symmetry_1 
_ndb_struct_na_base_pair_step.i_label_asym_id_2 
_ndb_struct_na_base_pair_step.i_label_comp_id_2 
_ndb_struct_na_base_pair_step.i_label_seq_id_2 
_ndb_struct_na_base_pair_step.i_symmetry_2 
_ndb_struct_na_base_pair_step.j_label_asym_id_2 
_ndb_struct_na_base_pair_step.j_label_comp_id_2 
_ndb_struct_na_base_pair_step.j_label_seq_id_2 
_ndb_struct_na_base_pair_step.j_symmetry_2 
_ndb_struct_na_base_pair_step.shift 
_ndb_struct_na_base_pair_step.slide 
_ndb_struct_na_base_pair_step.rise 
_ndb_struct_na_base_pair_step.tilt 
_ndb_struct_na_base_pair_step.roll 
_ndb_struct_na_base_pair_step.twist 
_ndb_struct_na_base_pair_step.x_displacement 
_ndb_struct_na_base_pair_step.y_displacement 
_ndb_struct_na_base_pair_step.helical_rise 
_ndb_struct_na_base_pair_step.inclination 
_ndb_struct_na_base_pair_step.tip 
_ndb_struct_na_base_pair_step.helical_twist 
_ndb_struct_na_base_pair_step.step_number 
_ndb_struct_na_base_pair_step.step_name 
_ndb_struct_na_base_pair_step.i_auth_asym_id_1 
_ndb_struct_na_base_pair_step.i_auth_seq_id_1 
_ndb_struct_na_base_pair_step.i_PDB_ins_code_1 
_ndb_struct_na_base_pair_step.j_auth_asym_id_1 
_ndb_struct_na_base_pair_step.j_auth_seq_id_1 
_ndb_struct_na_base_pair_step.j_PDB_ins_code_1 
_ndb_struct_na_base_pair_step.i_auth_asym_id_2 
_ndb_struct_na_base_pair_step.i_auth_seq_id_2 
_ndb_struct_na_base_pair_step.i_PDB_ins_code_2 
_ndb_struct_na_base_pair_step.j_auth_asym_id_2 
_ndb_struct_na_base_pair_step.j_auth_seq_id_2 
_ndb_struct_na_base_pair_step.j_PDB_ins_code_2 
1 A DG  1 1_555 B DC  10 1_555 A DC  2  1_555 B DG  9 1_555 0.385  -1.340 3.158 0.939  -0.463 38.854 -1.959 -0.468 3.181 -0.696 
-1.411 38.867 1 AA_DG1DC2:DG19DC20_BB   A 1 ? B 20 ? A 2  ? B 19 ? 
1 A DC  2 1_555 B DG  9  1_555 A DG  3  1_555 B DC  8 1_555 0.451  -2.162 3.418 1.721  6.564  25.202 -6.524 -0.545 2.798 14.707 
-3.857 26.085 2 AA_DC2DG3:DC18DG19_BB   A 2 ? B 19 ? A 3  ? B 18 ? 
1 A DG  3 1_555 B DC  8  1_555 A DT  4  1_555 B DA  7 1_555 -1.111 -1.424 3.112 -0.835 4.523  37.837 -2.714 1.603  2.951 6.943  
1.281  38.105 3 AA_DG3DT4:DA17DC18_BB   A 3 ? B 18 ? A 4  ? B 17 ? 
1 A DT  4 1_555 B DA  7  1_555 A DA  5  1_555 B T23 6 1_555 0.596  -1.590 3.185 1.531  21.572 26.354 -5.543 -0.819 1.520 39.858 
-2.828 33.969 4 AA_DT4DA5:T2316DA17_BB  A 4 ? B 17 ? A 5  ? B 16 ? 
1 A DA  5 1_555 B T23 6  1_555 A T23 6  1_555 B DA  5 1_555 0.932  -1.326 3.112 0.612  5.294  32.330 -3.193 -1.555 2.881 9.428  
-1.090 32.755 5 AA_DA5T236:DA15T2316_BB A 5 ? B 16 ? A 6  ? B 15 ? 
1 A T23 6 1_555 B DA  5  1_555 A DA  7  1_555 B DT  4 1_555 -0.222 -1.457 3.046 0.978  14.123 31.989 -4.232 0.495  2.218 24.200 
-1.676 34.906 6 AA_T236DA7:DT14DA15_BB  A 6 ? B 15 ? A 7  ? B 14 ? 
1 A DA  7 1_555 B DT  4  1_555 A DC  8  1_555 B DG  3 1_555 0.222  -1.501 3.244 1.898  3.562  31.921 -3.325 -0.072 3.071 6.444  
-3.435 32.168 7 AA_DA7DC8:DG13DT14_BB   A 7 ? B 14 ? A 8  ? B 13 ? 
1 A DC  8 1_555 B DG  3  1_555 A DG  9  1_555 B DC  2 1_555 -0.228 -1.877 3.490 -1.150 11.899 29.090 -5.614 0.213  2.551 22.528 
2.176  31.401 8 AA_DC8DG9:DC12DG13_BB   A 8 ? B 13 ? A 9  ? B 12 ? 
1 A DG  9 1_555 B DC  2  1_555 A DC  10 1_555 B DG  1 1_555 0.058  -1.755 3.306 -0.762 2.116  35.164 -3.212 -0.208 3.197 3.497  
1.260  35.233 9 AA_DG9DC10:DG11DC12_BB  A 9 ? B 12 ? A 10 ? B 11 ? 
# 
_atom_sites.entry_id                    1I0J 
_atom_sites.fract_transf_matrix[1][1]   0.00098856 
_atom_sites.fract_transf_matrix[1][2]   -0.03171343 
_atom_sites.fract_transf_matrix[1][3]   -0.02483073 
_atom_sites.fract_transf_matrix[2][1]   0.01219634 
_atom_sites.fract_transf_matrix[2][2]   -0.01146168 
_atom_sites.fract_transf_matrix[2][3]   0.01512424 
_atom_sites.fract_transf_matrix[3][1]   -0.01876086 
_atom_sites.fract_transf_matrix[3][2]   -0.00780133 
_atom_sites.fract_transf_matrix[3][3]   0.00921683 
_atom_sites.fract_transf_vector[1]      0.125959 
_atom_sites.fract_transf_vector[2]      0.042211 
_atom_sites.fract_transf_vector[3]      0.260261 
# 
loop_
_atom_type.symbol 
C  
CS 
N  
O  
P  
# 
loop_
_atom_site.group_PDB 
_atom_site.id 
_atom_site.type_symbol 
_atom_site.label_atom_id 
_atom_site.label_alt_id 
_atom_site.label_comp_id 
_atom_site.label_asym_id 
_atom_site.label_entity_id 
_atom_site.label_seq_id 
_atom_site.pdbx_PDB_ins_code 
_atom_site.Cartn_x 
_atom_site.Cartn_y 
_atom_site.Cartn_z 
_atom_site.occupancy 
_atom_site.B_iso_or_equiv 
_atom_site.pdbx_formal_charge 
_atom_site.auth_seq_id 
_atom_site.auth_comp_id 
_atom_site.auth_asym_id 
_atom_site.auth_atom_id 
_atom_site.pdbx_PDB_model_num 
ATOM   1   O  "O5'" . DG  A 1 1  ? -10.260 9.521   2.283   1.00 25.38 ? 1   DG  A "O5'" 1 
ATOM   2   C  "C5'" . DG  A 1 1  ? -9.768  8.559   1.332   1.00 17.58 ? 1   DG  A "C5'" 1 
ATOM   3   C  "C4'" . DG  A 1 1  ? -9.727  9.103   -0.079  1.00 14.31 ? 1   DG  A "C4'" 1 
ATOM   4   O  "O4'" . DG  A 1 1  ? -9.099  10.399  -0.077  1.00 11.13 ? 1   DG  A "O4'" 1 
ATOM   5   C  "C3'" . DG  A 1 1  ? -8.903  8.274   -1.057  1.00 11.77 ? 1   DG  A "C3'" 1 
ATOM   6   O  "O3'" . DG  A 1 1  ? -9.687  7.219   -1.616  1.00 11.62 ? 1   DG  A "O3'" 1 
ATOM   7   C  "C2'" . DG  A 1 1  ? -8.470  9.297   -2.086  1.00 9.74  ? 1   DG  A "C2'" 1 
ATOM   8   C  "C1'" . DG  A 1 1  ? -8.292  10.557  -1.241  1.00 10.94 ? 1   DG  A "C1'" 1 
ATOM   9   N  N9    . DG  A 1 1  ? -6.914  10.780  -0.811  1.00 10.49 ? 1   DG  A N9    1 
ATOM   10  C  C8    . DG  A 1 1  ? -6.403  10.719  0.467   1.00 14.72 ? 1   DG  A C8    1 
ATOM   11  N  N7    . DG  A 1 1  ? -5.122  10.981  0.515   1.00 12.15 ? 1   DG  A N7    1 
ATOM   12  C  C5    . DG  A 1 1  ? -4.771  11.222  -0.806  1.00 10.17 ? 1   DG  A C5    1 
ATOM   13  C  C6    . DG  A 1 1  ? -3.512  11.554  -1.380  1.00 9.43  ? 1   DG  A C6    1 
ATOM   14  O  O6    . DG  A 1 1  ? -2.427  11.724  -0.810  1.00 10.38 ? 1   DG  A O6    1 
ATOM   15  N  N1    . DG  A 1 1  ? -3.602  11.699  -2.761  1.00 7.96  ? 1   DG  A N1    1 
ATOM   16  C  C2    . DG  A 1 1  ? -4.754  11.564  -3.496  1.00 9.09  ? 1   DG  A C2    1 
ATOM   17  N  N2    . DG  A 1 1  ? -4.631  11.766  -4.815  1.00 8.69  ? 1   DG  A N2    1 
ATOM   18  N  N3    . DG  A 1 1  ? -5.933  11.259  -2.973  1.00 7.79  ? 1   DG  A N3    1 
ATOM   19  C  C4    . DG  A 1 1  ? -5.867  11.103  -1.634  1.00 9.99  ? 1   DG  A C4    1 
ATOM   20  P  P     . DC  A 1 2  ? -8.982  5.822   -1.988  1.00 11.95 ? 2   DC  A P     1 
ATOM   21  O  OP1   . DC  A 1 2  ? -10.080 4.888   -2.347  1.00 13.80 ? 2   DC  A OP1   1 
ATOM   22  O  OP2   . DC  A 1 2  ? -8.025  5.469   -0.912  1.00 13.72 ? 2   DC  A OP2   1 
ATOM   23  O  "O5'" . DC  A 1 2  ? -8.139  6.158   -3.292  1.00 9.96  ? 2   DC  A "O5'" 1 
ATOM   24  C  "C5'" . DC  A 1 2  ? -8.787  6.639   -4.473  1.00 10.69 ? 2   DC  A "C5'" 1 
ATOM   25  C  "C4'" . DC  A 1 2  ? -7.767  7.111   -5.479  1.00 9.46  ? 2   DC  A "C4'" 1 
ATOM   26  O  "O4'" . DC  A 1 2  ? -7.021  8.217   -4.944  1.00 7.69  ? 2   DC  A "O4'" 1 
ATOM   27  C  "C3'" . DC  A 1 2  ? -6.716  6.071   -5.821  1.00 9.27  ? 2   DC  A "C3'" 1 
ATOM   28  O  "O3'" . DC  A 1 2  ? -7.198  5.257   -6.881  1.00 9.23  ? 2   DC  A "O3'" 1 
ATOM   29  C  "C2'" . DC  A 1 2  ? -5.529  6.910   -6.251  1.00 8.80  ? 2   DC  A "C2'" 1 
ATOM   30  C  "C1'" . DC  A 1 2  ? -5.667  8.153   -5.388  1.00 8.32  ? 2   DC  A "C1'" 1 
ATOM   31  N  N1    . DC  A 1 2  ? -4.800  8.146   -4.205  1.00 7.70  ? 2   DC  A N1    1 
ATOM   32  C  C2    . DC  A 1 2  ? -3.481  8.562   -4.351  1.00 7.19  ? 2   DC  A C2    1 
ATOM   33  O  O2    . DC  A 1 2  ? -3.081  8.877   -5.481  1.00 7.44  ? 2   DC  A O2    1 
ATOM   34  N  N3    . DC  A 1 2  ? -2.670  8.604   -3.267  1.00 7.26  ? 2   DC  A N3    1 
ATOM   35  C  C4    . DC  A 1 2  ? -3.144  8.237   -2.075  1.00 8.78  ? 2   DC  A C4    1 
ATOM   36  N  N4    . DC  A 1 2  ? -2.328  8.316   -1.014  1.00 9.43  ? 2   DC  A N4    1 
ATOM   37  C  C5    . DC  A 1 2  ? -4.484  7.777   -1.905  1.00 9.98  ? 2   DC  A C5    1 
ATOM   38  C  C6    . DC  A 1 2  ? -5.272  7.751   -2.984  1.00 9.11  ? 2   DC  A C6    1 
ATOM   39  P  P     . DG  A 1 3  ? -6.435  3.898   -7.233  1.00 9.95  ? 3   DG  A P     1 
ATOM   40  O  OP1   . DG  A 1 3  ? -7.240  3.181   -8.256  1.00 14.50 ? 3   DG  A OP1   1 
ATOM   41  O  OP2   . DG  A 1 3  ? -6.070  3.208   -5.973  1.00 11.45 ? 3   DG  A OP2   1 
ATOM   42  O  "O5'" . DG  A 1 3  ? -5.092  4.423   -7.904  1.00 10.53 ? 3   DG  A "O5'" 1 
ATOM   43  C  "C5'" . DG  A 1 3  ? -3.841  3.741   -7.727  1.00 9.30  ? 3   DG  A "C5'" 1 
ATOM   44  C  "C4'" . DG  A 1 3  ? -2.706  4.694   -8.013  1.00 7.51  ? 3   DG  A "C4'" 1 
ATOM   45  O  "O4'" . DG  A 1 3  ? -2.629  5.728   -7.009  1.00 8.97  ? 3   DG  A "O4'" 1 
ATOM   46  C  "C3'" . DG  A 1 3  ? -1.332  4.054   -8.008  1.00 8.11  ? 3   DG  A "C3'" 1 
ATOM   47  O  "O3'" . DG  A 1 3  ? -1.084  3.519   -9.301  1.00 8.97  ? 3   DG  A "O3'" 1 
ATOM   48  C  "C2'" . DG  A 1 3  ? -0.410  5.215   -7.696  1.00 9.60  ? 3   DG  A "C2'" 1 
ATOM   49  C  "C1'" . DG  A 1 3  ? -1.266  6.085   -6.786  1.00 8.78  ? 3   DG  A "C1'" 1 
ATOM   50  N  N9    . DG  A 1 3  ? -0.997  5.940   -5.358  1.00 8.13  ? 3   DG  A N9    1 
ATOM   51  C  C8    . DG  A 1 3  ? -1.889  5.580   -4.377  1.00 8.35  ? 3   DG  A C8    1 
ATOM   52  N  N7    . DG  A 1 3  ? -1.363  5.577   -3.181  1.00 8.57  ? 3   DG  A N7    1 
ATOM   53  C  C5    . DG  A 1 3  ? -0.041  5.952   -3.389  1.00 7.86  ? 3   DG  A C5    1 
ATOM   54  C  C6    . DG  A 1 3  ? 1.018   6.134   -2.460  1.00 7.77  ? 3   DG  A C6    1 
ATOM   55  O  O6    . DG  A 1 3  ? 1.001   6.018   -1.221  1.00 7.89  ? 3   DG  A O6    1 
ATOM   56  N  N1    . DG  A 1 3  ? 2.192   6.502   -3.105  1.00 6.84  ? 3   DG  A N1    1 
ATOM   57  C  C2    . DG  A 1 3  ? 2.330   6.685   -4.457  1.00 7.67  ? 3   DG  A C2    1 
ATOM   58  N  N2    . DG  A 1 3  ? 3.549   7.047   -4.883  1.00 8.09  ? 3   DG  A N2    1 
ATOM   59  N  N3    . DG  A 1 3  ? 1.349   6.531   -5.328  1.00 6.99  ? 3   DG  A N3    1 
ATOM   60  C  C4    . DG  A 1 3  ? 0.201   6.164   -4.728  1.00 7.33  ? 3   DG  A C4    1 
ATOM   61  P  P     . DT  A 1 4  ? -0.084  2.274   -9.463  1.00 9.02  ? 4   DT  A P     1 
ATOM   62  O  OP1   . DT  A 1 4  ? -0.083  1.871   -10.893 1.00 10.69 ? 4   DT  A OP1   1 
ATOM   63  O  OP2   . DT  A 1 4  ? -0.347  1.252   -8.413  1.00 10.85 ? 4   DT  A OP2   1 
ATOM   64  O  "O5'" . DT  A 1 4  ? 1.346   2.884   -9.129  1.00 7.95  ? 4   DT  A "O5'" 1 
ATOM   65  C  "C5'" . DT  A 1 4  ? 2.133   3.584   -10.116 1.00 9.56  ? 4   DT  A "C5'" 1 
ATOM   66  C  "C4'" . DT  A 1 4  ? 3.568   3.702   -9.646  1.00 8.40  ? 4   DT  A "C4'" 1 
ATOM   67  O  "O4'" . DT  A 1 4  ? 3.671   4.558   -8.483  1.00 8.29  ? 4   DT  A "O4'" 1 
ATOM   68  C  "C3'" . DT  A 1 4  ? 4.177   2.368   -9.217  1.00 9.93  ? 4   DT  A "C3'" 1 
ATOM   69  O  "O3'" . DT  A 1 4  ? 4.688   1.644   -10.355 1.00 9.64  ? 4   DT  A "O3'" 1 
ATOM   70  C  "C2'" . DT  A 1 4  ? 5.262   2.799   -8.246  1.00 9.83  ? 4   DT  A "C2'" 1 
ATOM   71  C  "C1'" . DT  A 1 4  ? 4.661   4.043   -7.592  1.00 7.89  ? 4   DT  A "C1'" 1 
ATOM   72  N  N1    . DT  A 1 4  ? 4.010   3.793   -6.287  1.00 6.52  ? 4   DT  A N1    1 
ATOM   73  C  C2    . DT  A 1 4  ? 4.762   3.971   -5.136  1.00 7.04  ? 4   DT  A C2    1 
ATOM   74  O  O2    . DT  A 1 4  ? 5.943   4.287   -5.149  1.00 7.78  ? 4   DT  A O2    1 
ATOM   75  N  N3    . DT  A 1 4  ? 4.075   3.752   -3.966  1.00 7.47  ? 4   DT  A N3    1 
ATOM   76  C  C4    . DT  A 1 4  ? 2.754   3.354   -3.835  1.00 7.61  ? 4   DT  A C4    1 
ATOM   77  O  O4    . DT  A 1 4  ? 2.263   3.201   -2.713  1.00 7.21  ? 4   DT  A O4    1 
ATOM   78  C  C5    . DT  A 1 4  ? 2.043   3.163   -5.087  1.00 7.41  ? 4   DT  A C5    1 
ATOM   79  C  C7    . DT  A 1 4  ? 0.613   2.706   -5.046  1.00 8.16  ? 4   DT  A C7    1 
ATOM   80  C  C6    . DT  A 1 4  ? 2.692   3.389   -6.230  1.00 7.74  ? 4   DT  A C6    1 
ATOM   81  P  P     . DA  A 1 5  ? 4.753   0.042   -10.315 1.00 10.80 ? 5   DA  A P     1 
ATOM   82  O  OP1   . DA  A 1 5  ? 5.340   -0.389  -11.615 1.00 12.07 ? 5   DA  A OP1   1 
ATOM   83  O  OP2   . DA  A 1 5  ? 3.421   -0.481  -9.910  1.00 12.40 ? 5   DA  A OP2   1 
ATOM   84  O  "O5'" . DA  A 1 5  ? 5.818   -0.241  -9.165  1.00 9.76  ? 5   DA  A "O5'" 1 
ATOM   85  C  "C5'" . DA  A 1 5  ? 5.601   -1.241  -8.175  1.00 11.80 ? 5   DA  A "C5'" 1 
ATOM   86  C  "C4'" . DA  A 1 5  ? 6.645   -1.096  -7.094  1.00 8.11  ? 5   DA  A "C4'" 1 
ATOM   87  O  "O4'" . DA  A 1 5  ? 6.424   0.115   -6.342  1.00 8.72  ? 5   DA  A "O4'" 1 
ATOM   88  C  "C3'" . DA  A 1 5  ? 6.642   -2.196  -6.049  1.00 9.37  ? 5   DA  A "C3'" 1 
ATOM   89  O  "O3'" . DA  A 1 5  ? 7.366   -3.320  -6.519  1.00 9.33  ? 5   DA  A "O3'" 1 
ATOM   90  C  "C2'" . DA  A 1 5  ? 7.309   -1.526  -4.866  1.00 10.85 ? 5   DA  A "C2'" 1 
ATOM   91  C  "C1'" . DA  A 1 5  ? 6.799   -0.091  -4.981  1.00 8.73  ? 5   DA  A "C1'" 1 
ATOM   92  N  N9    . DA  A 1 5  ? 5.620   0.134   -4.148  1.00 7.48  ? 5   DA  A N9    1 
ATOM   93  C  C8    . DA  A 1 5  ? 4.298   0.170   -4.521  1.00 8.97  ? 5   DA  A C8    1 
ATOM   94  N  N7    . DA  A 1 5  ? 3.473   0.352   -3.517  1.00 8.09  ? 5   DA  A N7    1 
ATOM   95  C  C5    . DA  A 1 5  ? 4.303   0.459   -2.414  1.00 7.63  ? 5   DA  A C5    1 
ATOM   96  C  C6    . DA  A 1 5  ? 4.048   0.662   -1.049  1.00 7.35  ? 5   DA  A C6    1 
ATOM   97  N  N6    . DA  A 1 5  ? 2.823   0.799   -0.532  1.00 8.53  ? 5   DA  A N6    1 
ATOM   98  N  N1    . DA  A 1 5  ? 5.107   0.717   -0.212  1.00 7.78  ? 5   DA  A N1    1 
ATOM   99  C  C2    . DA  A 1 5  ? 6.334   0.575   -0.722  1.00 8.81  ? 5   DA  A C2    1 
ATOM   100 N  N3    . DA  A 1 5  ? 6.704   0.381   -1.983  1.00 8.27  ? 5   DA  A N3    1 
ATOM   101 C  C4    . DA  A 1 5  ? 5.628   0.333   -2.791  1.00 7.70  ? 5   DA  A C4    1 
HETATM 102 P  P     . T23 A 1 6  ? 7.017   -4.785  -5.959  1.00 10.64 ? 6   T23 A P     1 
HETATM 103 O  OP1   . T23 A 1 6  ? 7.981   -5.709  -6.601  1.00 12.16 ? 6   T23 A OP1   1 
HETATM 104 O  OP2   . T23 A 1 6  ? 5.555   -5.050  -6.034  1.00 12.84 ? 6   T23 A OP2   1 
HETATM 105 O  "O5'" . T23 A 1 6  ? 7.401   -4.700  -4.416  1.00 10.03 ? 6   T23 A "O5'" 1 
HETATM 106 N  N1    . T23 A 1 6  ? 6.296   -3.242  -0.845  1.00 7.95  ? 6   T23 A N1    1 
HETATM 107 C  C6    . T23 A 1 6  ? 5.603   -3.397  -2.025  1.00 8.45  ? 6   T23 A C6    1 
HETATM 108 C  C2    . T23 A 1 6  ? 5.660   -2.822  0.301   1.00 8.16  ? 6   T23 A C2    1 
HETATM 109 O  O2    . T23 A 1 6  ? 6.237   -2.672  1.357   1.00 8.30  ? 6   T23 A O2    1 
HETATM 110 N  N3    . T23 A 1 6  ? 4.318   -2.593  0.162   1.00 7.70  ? 6   T23 A N3    1 
HETATM 111 C  C4    . T23 A 1 6  ? 3.555   -2.737  -0.978  1.00 7.52  ? 6   T23 A C4    1 
HETATM 112 O  O4    . T23 A 1 6  ? 2.347   -2.500  -0.939  1.00 8.93  ? 6   T23 A O4    1 
HETATM 113 C  C5    . T23 A 1 6  ? 4.287   -3.180  -2.149  1.00 8.55  ? 6   T23 A C5    1 
HETATM 114 C  C5M   . T23 A 1 6  ? 3.557   -3.380  -3.442  1.00 10.23 ? 6   T23 A C5M   1 
HETATM 115 C  "C2'" . T23 A 1 6  ? 8.023   -4.996  -0.354  1.00 9.12  ? 6   T23 A "C2'" 1 
HETATM 116 O  "O2'" . T23 A 1 6  ? 9.286   -5.087  0.281   1.00 12.50 ? 6   T23 A "O2'" 1 
HETATM 117 C  C2M   . T23 A 1 6  ? 9.384   -4.368  1.511   1.00 10.78 ? 6   T23 A C2M   1 
HETATM 118 C  "C5'" . T23 A 1 6  ? 8.786   -4.665  -4.006  1.00 12.46 ? 6   T23 A "C5'" 1 
HETATM 119 C  "C4'" . T23 A 1 6  ? 8.883   -4.622  -2.498  1.00 10.92 ? 6   T23 A "C4'" 1 
HETATM 120 O  "O4'" . T23 A 1 6  ? 8.333   -3.354  -2.038  1.00 9.92  ? 6   T23 A "O4'" 1 
HETATM 121 C  "C1'" . T23 A 1 6  ? 7.747   -3.542  -0.757  1.00 9.54  ? 6   T23 A "C1'" 1 
HETATM 122 C  "C3'" . T23 A 1 6  ? 8.086   -5.669  -1.719  1.00 10.87 ? 6   T23 A "C3'" 1 
HETATM 123 C  C3M   . T23 A 1 6  ? 8.684   -6.988  -1.694  1.00 14.08 ? 6   T23 A C3M   1 
ATOM   124 P  P     . DA  A 1 7  ? 7.765   -8.278  -1.336  1.00 9.32  ? 7   DA  A P     1 
ATOM   125 O  OP1   . DA  A 1 7  ? 8.648   -9.471  -1.386  1.00 10.92 ? 7   DA  A OP1   1 
ATOM   126 O  OP2   . DA  A 1 7  ? 6.531   -8.248  -2.154  1.00 11.70 ? 7   DA  A OP2   1 
ATOM   127 O  "O5'" . DA  A 1 7  ? 7.343   -8.038  0.176   1.00 8.76  ? 7   DA  A "O5'" 1 
ATOM   128 C  "C5'" . DA  A 1 7  ? 8.321   -8.095  1.208   1.00 11.07 ? 7   DA  A "C5'" 1 
ATOM   129 C  "C4'" . DA  A 1 7  ? 7.648   -7.997  2.551   1.00 9.16  ? 7   DA  A "C4'" 1 
ATOM   130 O  "O4'" . DA  A 1 7  ? 7.132   -6.664  2.753   1.00 7.98  ? 7   DA  A "O4'" 1 
ATOM   131 C  "C3'" . DA  A 1 7  ? 6.434   -8.892  2.689   1.00 8.92  ? 7   DA  A "C3'" 1 
ATOM   132 O  "O3'" . DA  A 1 7  ? 6.812   -10.247 2.925   1.00 12.44 ? 7   DA  A "O3'" 1 
ATOM   133 C  "C2'" . DA  A 1 7  ? 5.659   -8.204  3.803   1.00 9.22  ? 7   DA  A "C2'" 1 
ATOM   134 C  "C1'" . DA  A 1 7  ? 5.909   -6.728  3.495   1.00 7.91  ? 7   DA  A "C1'" 1 
ATOM   135 N  N9    . DA  A 1 7  ? 4.840   -6.204  2.646   1.00 8.21  ? 7   DA  A N9    1 
ATOM   136 C  C8    . DA  A 1 7  ? 4.750   -6.261  1.279   1.00 8.91  ? 7   DA  A C8    1 
ATOM   137 N  N7    . DA  A 1 7  ? 3.625   -5.781  0.806   1.00 8.37  ? 7   DA  A N7    1 
ATOM   138 C  C5    . DA  A 1 7  ? 2.944   -5.356  1.934   1.00 7.47  ? 7   DA  A C5    1 
ATOM   139 C  C6    . DA  A 1 7  ? 1.687   -4.757  2.122   1.00 7.47  ? 7   DA  A C6    1 
ATOM   140 N  N6    . DA  A 1 7  ? 0.850   -4.457  1.124   1.00 7.91  ? 7   DA  A N6    1 
ATOM   141 N  N1    . DA  A 1 7  ? 1.308   -4.476  3.385   1.00 7.22  ? 7   DA  A N1    1 
ATOM   142 C  C2    . DA  A 1 7  ? 2.142   -4.772  4.384   1.00 7.93  ? 7   DA  A C2    1 
ATOM   143 N  N3    . DA  A 1 7  ? 3.347   -5.325  4.338   1.00 7.45  ? 7   DA  A N3    1 
ATOM   144 C  C4    . DA  A 1 7  ? 3.689   -5.597  3.078   1.00 7.15  ? 7   DA  A C4    1 
ATOM   145 P  P     . DC  A 1 8  ? 5.681   -11.359 3.072   1.00 8.97  ? 8   DC  A P     1 
ATOM   146 O  OP1   . DC  A 1 8  ? 6.349   -12.679 3.165   1.00 12.11 ? 8   DC  A OP1   1 
ATOM   147 O  OP2   . DC  A 1 8  ? 4.623   -11.132 2.031   1.00 20.66 ? 8   DC  A OP2   1 
ATOM   148 O  "O5'" . DC  A 1 8  ? 5.180   -10.969 4.522   1.00 23.35 ? 8   DC  A "O5'" 1 
ATOM   149 C  "C5'" . DC  A 1 8  ? 4.208   -11.694 5.169   1.00 20.97 ? 8   DC  A "C5'" 1 
ATOM   150 C  "C4'" . DC  A 1 8  ? 3.507   -10.817 6.170   1.00 9.84  ? 8   DC  A "C4'" 1 
ATOM   151 O  "O4'" . DC  A 1 8  ? 3.445   -9.423  5.774   1.00 9.16  ? 8   DC  A "O4'" 1 
ATOM   152 C  "C3'" . DC  A 1 8  ? 2.069   -11.262 6.191   1.00 9.83  ? 8   DC  A "C3'" 1 
ATOM   153 O  "O3'" . DC  A 1 8  ? 1.939   -12.436 6.954   1.00 11.71 ? 8   DC  A "O3'" 1 
ATOM   154 C  "C2'" . DC  A 1 8  ? 1.336   -10.038 6.689   1.00 8.18  ? 8   DC  A "C2'" 1 
ATOM   155 C  "C1'" . DC  A 1 8  ? 2.120   -8.929  5.982   1.00 8.18  ? 8   DC  A "C1'" 1 
ATOM   156 N  N1    . DC  A 1 8  ? 1.557   -8.593  4.661   1.00 7.25  ? 8   DC  A N1    1 
ATOM   157 C  C2    . DC  A 1 8  ? 0.370   -7.855  4.600   1.00 7.15  ? 8   DC  A C2    1 
ATOM   158 O  O2    . DC  A 1 8  ? -0.165  -7.500  5.653   1.00 8.41  ? 8   DC  A O2    1 
ATOM   159 N  N3    . DC  A 1 8  ? -0.163  -7.545  3.395   1.00 7.82  ? 8   DC  A N3    1 
ATOM   160 C  C4    . DC  A 1 8  ? 0.445   -7.948  2.276   1.00 7.19  ? 8   DC  A C4    1 
ATOM   161 N  N4    . DC  A 1 8  ? -0.112  -7.618  1.102   1.00 8.81  ? 8   DC  A N4    1 
ATOM   162 C  C5    . DC  A 1 8  ? 1.652   -8.703  2.305   1.00 8.29  ? 8   DC  A C5    1 
ATOM   163 C  C6    . DC  A 1 8  ? 2.173   -9.001  3.509   1.00 7.85  ? 8   DC  A C6    1 
ATOM   164 P  P     . DG  A 1 9  ? 0.990   -13.595 6.409   1.00 10.35 ? 9   DG  A P     1 
ATOM   165 O  OP1   . DG  A 1 9  ? 1.262   -14.781 7.254   1.00 11.36 ? 9   DG  A OP1   1 
ATOM   166 O  OP2   . DG  A 1 9  ? 1.157   -13.691 4.933   1.00 15.18 ? 9   DG  A OP2   1 
ATOM   167 O  "O5'" . DG  A 1 9  ? -0.442  -13.020 6.762   1.00 8.27  ? 9   DG  A "O5'" 1 
ATOM   168 C  "C5'" . DG  A 1 9  ? -0.773  -12.684 8.107   1.00 8.63  ? 9   DG  A "C5'" 1 
ATOM   169 C  "C4'" . DG  A 1 9  ? -2.122  -12.016 8.139   1.00 7.65  ? 9   DG  A "C4'" 1 
ATOM   170 O  "O4'" . DG  A 1 9  ? -2.048  -10.726 7.488   1.00 7.46  ? 9   DG  A "O4'" 1 
ATOM   171 C  "C3'" . DG  A 1 9  ? -3.208  -12.764 7.382   1.00 6.65  ? 9   DG  A "C3'" 1 
ATOM   172 O  "O3'" . DG  A 1 9  ? -3.788  -13.818 8.162   1.00 8.14  ? 9   DG  A "O3'" 1 
ATOM   173 C  "C2'" . DG  A 1 9  ? -4.199  -11.656 7.073   1.00 8.88  ? 9   DG  A "C2'" 1 
ATOM   174 C  "C1'" . DG  A 1 9  ? -3.283  -10.461 6.822   1.00 7.55  ? 9   DG  A "C1'" 1 
ATOM   175 N  N9    . DG  A 1 9  ? -3.013  -10.304 5.400   1.00 7.29  ? 9   DG  A N9    1 
ATOM   176 C  C8    . DG  A 1 9  ? -1.873  -10.643 4.711   1.00 8.65  ? 9   DG  A C8    1 
ATOM   177 N  N7    . DG  A 1 9  ? -1.950  -10.372 3.434   1.00 7.19  ? 9   DG  A N7    1 
ATOM   178 C  C5    . DG  A 1 9  ? -3.219  -9.822  3.277   1.00 7.77  ? 9   DG  A C5    1 
ATOM   179 C  C6    . DG  A 1 9  ? -3.878  -9.330  2.105   1.00 6.71  ? 9   DG  A C6    1 
ATOM   180 O  O6    . DG  A 1 9  ? -3.441  -9.252  0.954   1.00 8.41  ? 9   DG  A O6    1 
ATOM   181 N  N1    . DG  A 1 9  ? -5.170  -8.892  2.395   1.00 7.50  ? 9   DG  A N1    1 
ATOM   182 C  C2    . DG  A 1 9  ? -5.747  -8.915  3.641   1.00 7.95  ? 9   DG  A C2    1 
ATOM   183 N  N2    . DG  A 1 9  ? -7.014  -8.478  3.716   1.00 8.75  ? 9   DG  A N2    1 
ATOM   184 N  N3    . DG  A 1 9  ? -5.132  -9.341  4.735   1.00 7.89  ? 9   DG  A N3    1 
ATOM   185 C  C4    . DG  A 1 9  ? -3.884  -9.783  4.477   1.00 7.21  ? 9   DG  A C4    1 
ATOM   186 P  P     . DC  A 1 10 ? -4.523  -15.035 7.411   1.00 8.15  ? 10  DC  A P     1 
ATOM   187 O  OP1   . DC  A 1 10 ? -4.971  -16.016 8.437   1.00 10.07 ? 10  DC  A OP1   1 
ATOM   188 O  OP2   . DC  A 1 10 ? -3.628  -15.465 6.319   1.00 11.36 ? 10  DC  A OP2   1 
ATOM   189 O  "O5'" . DC  A 1 10 ? -5.791  -14.363 6.732   1.00 7.54  ? 10  DC  A "O5'" 1 
ATOM   190 C  "C5'" . DC  A 1 10 ? -6.856  -13.861 7.514   1.00 8.55  ? 10  DC  A "C5'" 1 
ATOM   191 C  "C4'" . DC  A 1 10 ? -7.993  -13.432 6.626   1.00 7.47  ? 10  DC  A "C4'" 1 
ATOM   192 O  "O4'" . DC  A 1 10 ? -7.635  -12.267 5.849   1.00 8.54  ? 10  DC  A "O4'" 1 
ATOM   193 C  "C3'" . DC  A 1 10 ? -8.420  -14.476 5.606   1.00 6.44  ? 10  DC  A "C3'" 1 
ATOM   194 O  "O3'" . DC  A 1 10 ? -9.305  -15.467 6.147   1.00 7.50  ? 10  DC  A "O3'" 1 
ATOM   195 C  "C2'" . DC  A 1 10 ? -9.100  -13.626 4.553   1.00 8.76  ? 10  DC  A "C2'" 1 
ATOM   196 C  "C1'" . DC  A 1 10 ? -8.296  -12.328 4.583   1.00 7.88  ? 10  DC  A "C1'" 1 
ATOM   197 N  N1    . DC  A 1 10 ? -7.273  -12.285 3.528   1.00 7.04  ? 10  DC  A N1    1 
ATOM   198 C  C2    . DC  A 1 10 ? -7.642  -11.804 2.270   1.00 7.73  ? 10  DC  A C2    1 
ATOM   199 O  O2    . DC  A 1 10 ? -8.802  -11.408 2.101   1.00 8.91  ? 10  DC  A O2    1 
ATOM   200 N  N3    . DC  A 1 10 ? -6.731  -11.780 1.273   1.00 8.59  ? 10  DC  A N3    1 
ATOM   201 C  C4    . DC  A 1 10 ? -5.485  -12.206 1.498   1.00 8.48  ? 10  DC  A C4    1 
ATOM   202 N  N4    . DC  A 1 10 ? -4.604  -12.166 0.481   1.00 9.85  ? 10  DC  A N4    1 
ATOM   203 C  C5    . DC  A 1 10 ? -5.075  -12.696 2.776   1.00 8.64  ? 10  DC  A C5    1 
ATOM   204 C  C6    . DC  A 1 10 ? -5.998  -12.715 3.756   1.00 7.93  ? 10  DC  A C6    1 
ATOM   205 O  "O5'" . DG  B 1 1  ? -7.580  -6.473  -7.569  1.00 23.40 ? 11  DG  B "O5'" 1 
ATOM   206 C  "C5'" . DG  B 1 1  ? -8.933  -6.421  -7.993  1.00 18.18 ? 11  DG  B "C5'" 1 
ATOM   207 C  "C4'" . DG  B 1 1  ? -9.886  -6.805  -6.883  1.00 17.88 ? 11  DG  B "C4'" 1 
ATOM   208 O  "O4'" . DG  B 1 1  ? -9.770  -8.217  -6.612  1.00 18.06 ? 11  DG  B "O4'" 1 
ATOM   209 C  "C3'" . DG  B 1 1  ? -9.608  -6.119  -5.554  1.00 15.66 ? 11  DG  B "C3'" 1 
ATOM   210 O  "O3'" . DG  B 1 1  ? -10.255 -4.849  -5.488  1.00 15.49 ? 11  DG  B "O3'" 1 
ATOM   211 C  "C2'" . DG  B 1 1  ? -10.194 -7.098  -4.560  1.00 15.66 ? 11  DG  B "C2'" 1 
ATOM   212 C  "C1'" . DG  B 1 1  ? -9.917  -8.446  -5.218  1.00 15.79 ? 11  DG  B "C1'" 1 
ATOM   213 N  N9    . DG  B 1 1  ? -8.681  -9.055  -4.738  1.00 14.24 ? 11  DG  B N9    1 
ATOM   214 C  C8    . DG  B 1 1  ? -7.522  -9.241  -5.445  1.00 15.94 ? 11  DG  B C8    1 
ATOM   215 N  N7    . DG  B 1 1  ? -6.585  -9.814  -4.741  1.00 14.40 ? 11  DG  B N7    1 
ATOM   216 C  C5    . DG  B 1 1  ? -7.167  -10.018 -3.498  1.00 12.00 ? 11  DG  B C5    1 
ATOM   217 C  C6    . DG  B 1 1  ? -6.636  -10.593 -2.320  1.00 10.73 ? 11  DG  B C6    1 
ATOM   218 O  O6    . DG  B 1 1  ? -5.510  -11.062 -2.137  1.00 12.22 ? 11  DG  B O6    1 
ATOM   219 N  N1    . DG  B 1 1  ? -7.565  -10.586 -1.286  1.00 10.09 ? 11  DG  B N1    1 
ATOM   220 C  C2    . DG  B 1 1  ? -8.837  -10.085 -1.373  1.00 10.39 ? 11  DG  B C2    1 
ATOM   221 N  N2    . DG  B 1 1  ? -9.589  -10.160 -0.264  1.00 8.87  ? 11  DG  B N2    1 
ATOM   222 N  N3    . DG  B 1 1  ? -9.342  -9.547  -2.467  1.00 10.89 ? 11  DG  B N3    1 
ATOM   223 C  C4    . DG  B 1 1  ? -8.461  -9.549  -3.480  1.00 11.62 ? 11  DG  B C4    1 
ATOM   224 P  P     . DC  B 1 2  ? -9.669  -3.715  -4.519  1.00 14.33 ? 12  DC  B P     1 
ATOM   225 O  OP1   . DC  B 1 2  ? -10.444 -2.484  -4.812  1.00 16.35 ? 12  DC  B OP1   1 
ATOM   226 O  OP2   . DC  B 1 2  ? -8.189  -3.677  -4.634  1.00 18.74 ? 12  DC  B OP2   1 
ATOM   227 O  "O5'" . DC  B 1 2  ? -10.022 -4.240  -3.057  1.00 12.49 ? 12  DC  B "O5'" 1 
ATOM   228 C  "C5'" . DC  B 1 2  ? -11.371 -4.257  -2.584  1.00 14.06 ? 12  DC  B "C5'" 1 
ATOM   229 C  "C4'" . DC  B 1 2  ? -11.408 -4.778  -1.168  1.00 13.26 ? 12  DC  B "C4'" 1 
ATOM   230 O  "O4'" . DC  B 1 2  ? -10.904 -6.135  -1.146  1.00 12.43 ? 12  DC  B "O4'" 1 
ATOM   231 C  "C3'" . DC  B 1 2  ? -10.512 -4.033  -0.194  1.00 14.72 ? 12  DC  B "C3'" 1 
ATOM   232 O  "O3'" . DC  B 1 2  ? -11.101 -2.832  0.296   1.00 20.44 ? 12  DC  B "O3'" 1 
ATOM   233 C  "C2'" . DC  B 1 2  ? -10.255 -5.067  0.881   1.00 14.41 ? 12  DC  B "C2'" 1 
ATOM   234 C  "C1'" . DC  B 1 2  ? -10.183 -6.354  0.068   1.00 11.03 ? 12  DC  B "C1'" 1 
ATOM   235 N  N1    . DC  B 1 2  ? -8.796  -6.700  -0.286  1.00 8.34  ? 12  DC  B N1    1 
ATOM   236 C  C2    . DC  B 1 2  ? -8.015  -7.362  0.647   1.00 7.23  ? 12  DC  B C2    1 
ATOM   237 O  O2    . DC  B 1 2  ? -8.514  -7.643  1.736   1.00 7.56  ? 12  DC  B O2    1 
ATOM   238 N  N3    . DC  B 1 2  ? -6.735  -7.681  0.342   1.00 8.08  ? 12  DC  B N3    1 
ATOM   239 C  C4    . DC  B 1 2  ? -6.236  -7.349  -0.850  1.00 8.29  ? 12  DC  B C4    1 
ATOM   240 N  N4    . DC  B 1 2  ? -4.967  -7.681  -1.128  1.00 10.26 ? 12  DC  B N4    1 
ATOM   241 C  C5    . DC  B 1 2  ? -7.015  -6.665  -1.823  1.00 9.79  ? 12  DC  B C5    1 
ATOM   242 C  C6    . DC  B 1 2  ? -8.278  -6.363  -1.503  1.00 9.03  ? 12  DC  B C6    1 
ATOM   243 P  P     . DG  B 1 3  ? -10.145 -1.592  0.681   1.00 22.14 ? 13  DG  B P     1 
ATOM   244 O  OP1   . DG  B 1 3  ? -11.025 -0.484  1.080   1.00 22.39 ? 13  DG  B OP1   1 
ATOM   245 O  OP2   . DG  B 1 3  ? -9.162  -1.384  -0.408  1.00 23.87 ? 13  DG  B OP2   1 
ATOM   246 O  "O5'" . DG  B 1 3  ? -9.370  -2.067  1.990   1.00 15.44 ? 13  DG  B "O5'" 1 
ATOM   247 C  "C5'" . DG  B 1 3  ? -10.094 -2.440  3.155   1.00 18.62 ? 13  DG  B "C5'" 1 
ATOM   248 C  "C4'" . DG  B 1 3  ? -9.188  -3.137  4.139   1.00 12.51 ? 13  DG  B "C4'" 1 
ATOM   249 O  "O4'" . DG  B 1 3  ? -8.689  -4.368  3.580   1.00 12.15 ? 13  DG  B "O4'" 1 
ATOM   250 C  "C3'" . DG  B 1 3  ? -7.938  -2.380  4.541   1.00 7.48  ? 13  DG  B "C3'" 1 
ATOM   251 O  "O3'" . DG  B 1 3  ? -8.224  -1.416  5.539   1.00 9.17  ? 13  DG  B "O3'" 1 
ATOM   252 C  "C2'" . DG  B 1 3  ? -7.070  -3.488  5.086   1.00 12.20 ? 13  DG  B "C2'" 1 
ATOM   253 C  "C1'" . DG  B 1 3  ? -7.438  -4.668  4.195   1.00 11.29 ? 13  DG  B "C1'" 1 
ATOM   254 N  N9    . DG  B 1 3  ? -6.432  -4.866  3.157   1.00 9.72  ? 13  DG  B N9    1 
ATOM   255 C  C8    . DG  B 1 3  ? -6.488  -4.545  1.821   1.00 9.34  ? 13  DG  B C8    1 
ATOM   256 N  N7    . DG  B 1 3  ? -5.381  -4.825  1.185   1.00 9.16  ? 13  DG  B N7    1 
ATOM   257 C  C5    . DG  B 1 3  ? -4.553  -5.373  2.158   1.00 7.81  ? 13  DG  B C5    1 
ATOM   258 C  C6    . DG  B 1 3  ? -3.228  -5.863  2.071   1.00 8.32  ? 13  DG  B C6    1 
ATOM   259 O  O6    . DG  B 1 3  ? -2.506  -5.919  1.087   1.00 8.17  ? 13  DG  B O6    1 
ATOM   260 N  N1    . DG  B 1 3  ? -2.760  -6.322  3.299   1.00 7.18  ? 13  DG  B N1    1 
ATOM   261 C  C2    . DG  B 1 3  ? -3.483  -6.310  4.468   1.00 7.34  ? 13  DG  B C2    1 
ATOM   262 N  N2    . DG  B 1 3  ? -2.869  -6.777  5.560   1.00 8.94  ? 13  DG  B N2    1 
ATOM   263 N  N3    . DG  B 1 3  ? -4.726  -5.864  4.557   1.00 8.46  ? 13  DG  B N3    1 
ATOM   264 C  C4    . DG  B 1 3  ? -5.189  -5.412  3.377   1.00 8.19  ? 13  DG  B C4    1 
ATOM   265 P  P     . DT  B 1 4  ? -7.238  -0.166  5.728   1.00 8.59  ? 14  DT  B P     1 
ATOM   266 O  OP1   . DT  B 1 4  ? -7.878  0.779   6.675   1.00 10.79 ? 14  DT  B OP1   1 
ATOM   267 O  OP2   . DT  B 1 4  ? -6.776  0.320   4.410   1.00 10.32 ? 14  DT  B OP2   1 
ATOM   268 O  "O5'" . DT  B 1 4  ? -5.960  -0.798  6.438   1.00 7.74  ? 14  DT  B "O5'" 1 
ATOM   269 C  "C5'" . DT  B 1 4  ? -6.058  -1.301  7.778   1.00 9.26  ? 14  DT  B "C5'" 1 
ATOM   270 C  "C4'" . DT  B 1 4  ? -4.745  -1.893  8.233   1.00 7.71  ? 14  DT  B "C4'" 1 
ATOM   271 O  "O4'" . DT  B 1 4  ? -4.416  -3.104  7.524   1.00 8.78  ? 14  DT  B "O4'" 1 
ATOM   272 C  "C3'" . DT  B 1 4  ? -3.543  -1.006  8.020   1.00 7.27  ? 14  DT  B "C3'" 1 
ATOM   273 O  "O3'" . DT  B 1 4  ? -3.433  0.007   8.996   1.00 8.20  ? 14  DT  B "O3'" 1 
ATOM   274 C  "C2'" . DT  B 1 4  ? -2.388  -1.975  8.065   1.00 8.27  ? 14  DT  B "C2'" 1 
ATOM   275 C  "C1'" . DT  B 1 4  ? -2.994  -3.188  7.374   1.00 8.08  ? 14  DT  B "C1'" 1 
ATOM   276 N  N1    . DT  B 1 4  ? -2.679  -3.124  5.942   1.00 7.45  ? 14  DT  B N1    1 
ATOM   277 C  C2    . DT  B 1 4  ? -1.453  -3.596  5.561   1.00 7.28  ? 14  DT  B C2    1 
ATOM   278 O  O2    . DT  B 1 4  ? -0.658  -4.066  6.356   1.00 7.43  ? 14  DT  B O2    1 
ATOM   279 N  N3    . DT  B 1 4  ? -1.182  -3.485  4.217   1.00 7.71  ? 14  DT  B N3    1 
ATOM   280 C  C4    . DT  B 1 4  ? -2.011  -2.946  3.250   1.00 8.44  ? 14  DT  B C4    1 
ATOM   281 O  O4    . DT  B 1 4  ? -1.632  -2.897  2.090   1.00 8.18  ? 14  DT  B O4    1 
ATOM   282 C  C5    . DT  B 1 4  ? -3.286  -2.470  3.720   1.00 6.90  ? 14  DT  B C5    1 
ATOM   283 C  C7    . DT  B 1 4  ? -4.241  -1.865  2.739   1.00 8.80  ? 14  DT  B C7    1 
ATOM   284 C  C6    . DT  B 1 4  ? -3.561  -2.588  5.028   1.00 8.00  ? 14  DT  B C6    1 
ATOM   285 P  P     . DA  B 1 5  ? -2.695  1.376   8.598   1.00 7.98  ? 15  DA  B P     1 
ATOM   286 O  OP1   . DA  B 1 5  ? -2.800  2.350   9.687   1.00 10.05 ? 15  DA  B OP1   1 
ATOM   287 O  OP2   . DA  B 1 5  ? -3.091  1.774   7.223   1.00 10.46 ? 15  DA  B OP2   1 
ATOM   288 O  "O5'" . DA  B 1 5  ? -1.161  0.958   8.506   1.00 8.23  ? 15  DA  B "O5'" 1 
ATOM   289 C  "C5'" . DA  B 1 5  ? -0.478  0.418   9.663   1.00 8.18  ? 15  DA  B "C5'" 1 
ATOM   290 C  "C4'" . DA  B 1 5  ? 0.923   -0.022  9.303   1.00 7.60  ? 15  DA  B "C4'" 1 
ATOM   291 O  "O4'" . DA  B 1 5  ? 0.865   -1.131  8.377   1.00 7.41  ? 15  DA  B "O4'" 1 
ATOM   292 C  "C3'" . DA  B 1 5  ? 1.801   1.024   8.631   1.00 7.77  ? 15  DA  B "C3'" 1 
ATOM   293 O  "O3'" . DA  B 1 5  ? 2.441   1.866   9.600   1.00 8.09  ? 15  DA  B "O3'" 1 
ATOM   294 C  "C2'" . DA  B 1 5  ? 2.789   0.169   7.860   1.00 8.44  ? 15  DA  B "C2'" 1 
ATOM   295 C  "C1'" . DA  B 1 5  ? 1.952   -1.044  7.461   1.00 7.73  ? 15  DA  B "C1'" 1 
ATOM   296 N  N9    . DA  B 1 5  ? 1.403   -0.912  6.112   1.00 6.96  ? 15  DA  B N9    1 
ATOM   297 C  C8    . DA  B 1 5  ? 0.146   -0.503  5.726   1.00 6.24  ? 15  DA  B C8    1 
ATOM   298 N  N7    . DA  B 1 5  ? -0.026  -0.484  4.427   1.00 6.43  ? 15  DA  B N7    1 
ATOM   299 C  C5    . DA  B 1 5  ? 1.193   -0.922  3.919   1.00 6.06  ? 15  DA  B C5    1 
ATOM   300 C  C6    . DA  B 1 5  ? 1.643   -1.154  2.607   1.00 6.04  ? 15  DA  B C6    1 
ATOM   301 N  N6    . DA  B 1 5  ? 0.890   -0.970  1.515   1.00 7.47  ? 15  DA  B N6    1 
ATOM   302 N  N1    . DA  B 1 5  ? 2.913   -1.589  2.446   1.00 7.01  ? 15  DA  B N1    1 
ATOM   303 C  C2    . DA  B 1 5  ? 3.662   -1.778  3.535   1.00 7.46  ? 15  DA  B C2    1 
ATOM   304 N  N3    . DA  B 1 5  ? 3.351   -1.608  4.819   1.00 7.36  ? 15  DA  B N3    1 
ATOM   305 C  C4    . DA  B 1 5  ? 2.080   -1.175  4.946   1.00 6.92  ? 15  DA  B C4    1 
HETATM 306 P  P     . T23 B 1 6  ? 3.010   3.296   9.148   1.00 8.41  ? 16  T23 B P     1 
HETATM 307 O  OP1   . T23 B 1 6  ? 3.365   4.043   10.402  1.00 9.77  ? 16  T23 B OP1   1 
HETATM 308 O  OP2   . T23 B 1 6  ? 2.093   3.910   8.168   1.00 9.71  ? 16  T23 B OP2   1 
HETATM 309 O  "O5'" . T23 B 1 6  ? 4.331   2.935   8.337   1.00 8.34  ? 16  T23 B "O5'" 1 
HETATM 310 N  N1    . T23 B 1 6  ? 5.694   1.575   4.839   1.00 8.63  ? 16  T23 B N1    1 
HETATM 311 C  C6    . T23 B 1 6  ? 4.454   2.011   5.240   1.00 9.43  ? 16  T23 B C6    1 
HETATM 312 C  C2    . T23 B 1 6  ? 5.945   1.251   3.529   1.00 8.14  ? 16  T23 B C2    1 
HETATM 313 O  O2    . T23 B 1 6  ? 7.040   0.886   3.135   1.00 8.42  ? 16  T23 B O2    1 
HETATM 314 N  N3    . T23 B 1 6  ? 4.867   1.380   2.687   1.00 8.52  ? 16  T23 B N3    1 
HETATM 315 C  C4    . T23 B 1 6  ? 3.594   1.813   3.024   1.00 6.68  ? 16  T23 B C4    1 
HETATM 316 O  O4    . T23 B 1 6  ? 2.717   1.892   2.161   1.00 7.70  ? 16  T23 B O4    1 
HETATM 317 C  C5    . T23 B 1 6  ? 3.415   2.151   4.411   1.00 8.21  ? 16  T23 B C5    1 
HETATM 318 C  C5M   . T23 B 1 6  ? 2.081   2.650   4.869   1.00 9.31  ? 16  T23 B C5M   1 
HETATM 319 C  "C2'" . T23 B 1 6  ? 7.659   2.712   5.936   1.00 8.69  ? 16  T23 B "C2'" 1 
HETATM 320 O  "O2'" . T23 B 1 6  ? 8.955   2.347   6.380   1.00 10.34 ? 16  T23 B "O2'" 1 
HETATM 321 C  C2M   . T23 B 1 6  ? 9.838   1.891   5.357   1.00 10.39 ? 16  T23 B C2M   1 
HETATM 322 C  "C5'" . T23 B 1 6  ? 5.513   2.508   9.000   1.00 9.91  ? 16  T23 B "C5'" 1 
HETATM 323 C  "C4'" . T23 B 1 6  ? 6.619   2.308   7.994   1.00 8.63  ? 16  T23 B "C4'" 1 
HETATM 324 O  "O4'" . T23 B 1 6  ? 6.250   1.211   7.102   1.00 8.57  ? 16  T23 B "O4'" 1 
HETATM 325 C  "C1'" . T23 B 1 6  ? 6.802   1.444   5.815   1.00 8.82  ? 16  T23 B "C1'" 1 
HETATM 326 C  "C3'" . T23 B 1 6  ? 6.912   3.463   7.036   1.00 8.85  ? 16  T23 B "C3'" 1 
HETATM 327 C  C3M   . T23 B 1 6  ? 7.653   4.572   7.610   1.00 14.77 ? 16  T23 B C3M   1 
ATOM   328 P  P     . DA  B 1 7  ? 7.537   6.049   6.951   1.00 9.52  ? 17  DA  B P     1 
ATOM   329 O  OP1   . DA  B 1 7  ? 8.367   6.989   7.765   1.00 10.85 ? 17  DA  B OP1   1 
ATOM   330 O  OP2   . DA  B 1 7  ? 6.101   6.351   6.739   1.00 11.56 ? 17  DA  B OP2   1 
ATOM   331 O  "O5'" . DA  B 1 7  ? 8.208   5.893   5.512   1.00 10.11 ? 17  DA  B "O5'" 1 
ATOM   332 C  "C5'" . DA  B 1 7  ? 9.633   5.847   5.383   1.00 12.01 ? 17  DA  B "C5'" 1 
ATOM   333 C  "C4'" . DA  B 1 7  ? 10.028  5.799   3.925   1.00 10.25 ? 17  DA  B "C4'" 1 
ATOM   334 O  "O4'" . DA  B 1 7  ? 9.485   4.608   3.314   1.00 9.29  ? 17  DA  B "O4'" 1 
ATOM   335 C  "C3'" . DA  B 1 7  ? 9.488   6.922   3.046   1.00 10.19 ? 17  DA  B "C3'" 1 
ATOM   336 O  "O3'" . DA  B 1 7  ? 10.241  8.131   3.134   1.00 11.91 ? 17  DA  B "O3'" 1 
ATOM   337 C  "C2'" . DA  B 1 7  ? 9.541   6.314   1.659   1.00 10.82 ? 17  DA  B "C2'" 1 
ATOM   338 C  "C1'" . DA  B 1 7  ? 9.186   4.863   1.932   1.00 9.25  ? 17  DA  B "C1'" 1 
ATOM   339 N  N9    . DA  B 1 7  ? 7.760   4.635   1.717   1.00 7.51  ? 17  DA  B N9    1 
ATOM   340 C  C8    . DA  B 1 7  ? 6.743   4.657   2.636   1.00 8.94  ? 17  DA  B C8    1 
ATOM   341 N  N7    . DA  B 1 7  ? 5.554   4.459   2.112   1.00 8.26  ? 17  DA  B N7    1 
ATOM   342 C  C5    . DA  B 1 7  ? 5.812   4.277   0.756   1.00 8.37  ? 17  DA  B C5    1 
ATOM   343 C  C6    . DA  B 1 7  ? 4.971   4.031   -0.349  1.00 7.34  ? 17  DA  B C6    1 
ATOM   344 N  N6    . DA  B 1 7  ? 3.644   3.895   -0.256  1.00 7.30  ? 17  DA  B N6    1 
ATOM   345 N  N1    . DA  B 1 7  ? 5.548   3.922   -1.569  1.00 6.57  ? 17  DA  B N1    1 
ATOM   346 C  C2    . DA  B 1 7  ? 6.881   4.047   -1.660  1.00 8.07  ? 17  DA  B C2    1 
ATOM   347 N  N3    . DA  B 1 7  ? 7.775   4.271   -0.697  1.00 7.98  ? 17  DA  B N3    1 
ATOM   348 C  C4    . DA  B 1 7  ? 7.166   4.380   0.502   1.00 8.08  ? 17  DA  B C4    1 
ATOM   349 P  P     . DC  B 1 8  ? 9.482   9.540   2.984   1.00 12.05 ? 18  DC  B P     1 
ATOM   350 O  OP1   . DC  B 1 8  ? 10.474  10.599  3.277   1.00 14.68 ? 18  DC  B OP1   1 
ATOM   351 O  OP2   . DC  B 1 8  ? 8.211   9.494   3.753   1.00 13.09 ? 18  DC  B OP2   1 
ATOM   352 O  "O5'" . DC  B 1 8  ? 9.133   9.626   1.435   1.00 11.61 ? 18  DC  B "O5'" 1 
ATOM   353 C  "C5'" . DC  B 1 8  ? 10.178  9.716   0.460   1.00 11.92 ? 18  DC  B "C5'" 1 
ATOM   354 C  "C4'" . DC  B 1 8  ? 9.628   9.452   -0.923  1.00 10.29 ? 18  DC  B "C4'" 1 
ATOM   355 O  "O4'" . DC  B 1 8  ? 8.979   8.153   -0.931  1.00 8.85  ? 18  DC  B "O4'" 1 
ATOM   356 C  "C3'" . DC  B 1 8  ? 8.549   10.412  -1.418  1.00 10.90 ? 18  DC  B "C3'" 1 
ATOM   357 O  "O3'" . DC  B 1 8  ? 9.083   11.616  -1.985  1.00 13.74 ? 18  DC  B "O3'" 1 
ATOM   358 C  "C2'" . DC  B 1 8  ? 7.845   9.566   -2.463  1.00 9.68  ? 18  DC  B "C2'" 1 
ATOM   359 C  "C1'" . DC  B 1 8  ? 7.896   8.161   -1.867  1.00 9.25  ? 18  DC  B "C1'" 1 
ATOM   360 N  N1    . DC  B 1 8  ? 6.650   7.841   -1.149  1.00 7.75  ? 18  DC  B N1    1 
ATOM   361 C  C2    . DC  B 1 8  ? 5.556   7.410   -1.894  1.00 8.94  ? 18  DC  B C2    1 
ATOM   362 O  O2    . DC  B 1 8  ? 5.693   7.250   -3.117  1.00 8.33  ? 18  DC  B O2    1 
ATOM   363 N  N3    . DC  B 1 8  ? 4.375   7.176   -1.270  1.00 8.24  ? 18  DC  B N3    1 
ATOM   364 C  C4    . DC  B 1 8  ? 4.277   7.349   0.050   1.00 8.16  ? 18  DC  B C4    1 
ATOM   365 N  N4    . DC  B 1 8  ? 3.091   7.121   0.613   1.00 10.59 ? 18  DC  B N4    1 
ATOM   366 C  C5    . DC  B 1 8  ? 5.382   7.766   0.843   1.00 9.61  ? 18  DC  B C5    1 
ATOM   367 C  C6    . DC  B 1 8  ? 6.545   7.994   0.207   1.00 10.04 ? 18  DC  B C6    1 
ATOM   368 P  P     . DG  B 1 9  ? 8.139   12.908  -2.137  1.00 13.07 ? 19  DG  B P     1 
ATOM   369 O  OP1   . DG  B 1 9  ? 9.039   13.981  -2.604  1.00 14.40 ? 19  DG  B OP1   1 
ATOM   370 O  OP2   . DG  B 1 9  ? 7.376   13.101  -0.881  1.00 18.42 ? 19  DG  B OP2   1 
ATOM   371 O  "O5'" . DG  B 1 9  ? 7.166   12.542  -3.346  1.00 12.08 ? 19  DG  B "O5'" 1 
ATOM   372 C  "C5'" . DG  B 1 9  ? 7.683   12.340  -4.661  1.00 12.51 ? 19  DG  B "C5'" 1 
ATOM   373 C  "C4'" . DG  B 1 9  ? 6.602   11.812  -5.571  1.00 9.23  ? 19  DG  B "C4'" 1 
ATOM   374 O  "O4'" . DG  B 1 9  ? 6.033   10.608  -5.008  1.00 7.68  ? 19  DG  B "O4'" 1 
ATOM   375 C  "C3'" . DG  B 1 9  ? 5.405   12.723  -5.805  1.00 7.43  ? 19  DG  B "C3'" 1 
ATOM   376 O  "O3'" . DG  B 1 9  ? 5.678   13.648  -6.861  1.00 8.29  ? 19  DG  B "O3'" 1 
ATOM   377 C  "C2'" . DG  B 1 9  ? 4.326   11.736  -6.207  1.00 7.42  ? 19  DG  B "C2'" 1 
ATOM   378 C  "C1'" . DG  B 1 9  ? 4.661   10.502  -5.378  1.00 7.49  ? 19  DG  B "C1'" 1 
ATOM   379 N  N9    . DG  B 1 9  ? 3.863   10.385  -4.166  1.00 8.02  ? 19  DG  B N9    1 
ATOM   380 C  C8    . DG  B 1 9  ? 4.274   10.487  -2.855  1.00 8.30  ? 19  DG  B C8    1 
ATOM   381 N  N7    . DG  B 1 9  ? 3.313   10.268  -2.000  1.00 8.39  ? 19  DG  B N7    1 
ATOM   382 C  C5    . DG  B 1 9  ? 2.198   10.012  -2.794  1.00 7.89  ? 19  DG  B C5    1 
ATOM   383 C  C6    . DG  B 1 9  ? 0.862   9.678   -2.438  1.00 6.46  ? 19  DG  B C6    1 
ATOM   384 O  O6    . DG  B 1 9  ? 0.373   9.517   -1.312  1.00 7.21  ? 19  DG  B O6    1 
ATOM   385 N  N1    . DG  B 1 9  ? 0.057   9.523   -3.567  1.00 6.54  ? 19  DG  B N1    1 
ATOM   386 C  C2    . DG  B 1 9  ? 0.478   9.676   -4.868  1.00 6.22  ? 19  DG  B C2    1 
ATOM   387 N  N2    . DG  B 1 9  ? -0.453  9.516   -5.828  1.00 6.90  ? 19  DG  B N2    1 
ATOM   388 N  N3    . DG  B 1 9  ? 1.718   9.965   -5.204  1.00 6.83  ? 19  DG  B N3    1 
ATOM   389 C  C4    . DG  B 1 9  ? 2.522   10.114  -4.125  1.00 6.85  ? 19  DG  B C4    1 
ATOM   390 P  P     . DC  B 1 10 ? 4.865   15.030  -6.935  1.00 9.36  ? 20  DC  B P     1 
ATOM   391 O  OP1   . DC  B 1 10 ? 5.487   15.835  -8.010  1.00 11.76 ? 20  DC  B OP1   1 
ATOM   392 O  OP2   . DC  B 1 10 ? 4.687   15.601  -5.569  1.00 13.09 ? 20  DC  B OP2   1 
ATOM   393 O  "O5'" . DC  B 1 10 ? 3.416   14.611  -7.429  1.00 9.02  ? 20  DC  B "O5'" 1 
ATOM   394 C  "C5'" . DC  B 1 10 ? 3.193   14.143  -8.760  1.00 10.23 ? 20  DC  B "C5'" 1 
ATOM   395 C  "C4'" . DC  B 1 10 ? 1.720   13.881  -8.963  1.00 7.78  ? 20  DC  B "C4'" 1 
ATOM   396 O  "O4'" . DC  B 1 10 ? 1.302   12.810  -8.086  1.00 7.26  ? 20  DC  B "O4'" 1 
ATOM   397 C  "C3'" . DC  B 1 10 ? 0.820   15.056  -8.589  1.00 6.59  ? 20  DC  B "C3'" 1 
ATOM   398 O  "O3'" . DC  B 1 10 ? 0.692   16.000  -9.644  1.00 9.64  ? 20  DC  B "O3'" 1 
ATOM   399 C  "C2'" . DC  B 1 10 ? -0.486  14.377  -8.230  1.00 8.71  ? 20  DC  B "C2'" 1 
ATOM   400 C  "C1'" . DC  B 1 10 ? -0.019  13.069  -7.607  1.00 6.42  ? 20  DC  B "C1'" 1 
ATOM   401 N  N1    . DC  B 1 10 ? 0.026   13.076  -6.134  1.00 6.27  ? 20  DC  B N1    1 
ATOM   402 C  C2    . DC  B 1 10 ? -1.124  12.718  -5.421  1.00 7.43  ? 20  DC  B C2    1 
ATOM   403 O  O2    . DC  B 1 10 ? -2.166  12.493  -6.049  1.00 6.60  ? 20  DC  B O2    1 
ATOM   404 N  N3    . DC  B 1 10 ? -1.073  12.639  -4.075  1.00 6.77  ? 20  DC  B N3    1 
ATOM   405 C  C4    . DC  B 1 10 ? 0.063   12.935  -3.441  1.00 7.09  ? 20  DC  B C4    1 
ATOM   406 N  N4    . DC  B 1 10 ? 0.088   12.833  -2.111  1.00 9.02  ? 20  DC  B N4    1 
ATOM   407 C  C5    . DC  B 1 10 ? 1.231   13.346  -4.137  1.00 8.22  ? 20  DC  B C5    1 
ATOM   408 C  C6    . DC  B 1 10 ? 1.173   13.406  -5.468  1.00 7.06  ? 20  DC  B C6    1 
HETATM 409 CS CS    . CS  C 2 .  ? -4.171  -14.660 11.190  1.00 9.96  ? 21  CS  A CS    1 
HETATM 410 CS CS    . CS  D 2 .  ? -0.442  2.767   -1.315  1.00 25.00 ? 22  CS  A CS    1 
HETATM 411 CS CS    . CS  E 2 .  ? -2.350  -18.050 6.473   1.00 60.00 ? 23  CS  A CS    1 
HETATM 412 O  O     . HOH F 3 .  ? -3.967  9.490   -8.042  1.00 9.45  ? 106 HOH A O     1 
HETATM 413 O  O     . HOH F 3 .  ? -5.492  3.993   -1.471  1.00 12.87 ? 107 HOH A O     1 
HETATM 414 O  O     . HOH F 3 .  ? -6.913  -8.937  6.893   1.00 11.37 ? 109 HOH A O     1 
HETATM 415 O  O     . HOH F 3 .  ? -10.569 -15.369 8.694   1.00 11.29 ? 110 HOH A O     1 
HETATM 416 O  O     . HOH F 3 .  ? -1.599  -9.879  -1.065  1.00 12.40 ? 111 HOH A O     1 
HETATM 417 O  O     . HOH F 3 .  ? 6.965   -3.445  3.916   1.00 10.87 ? 112 HOH A O     1 
HETATM 418 O  O     . HOH F 3 .  ? -7.494  -17.139 7.356   1.00 9.95  ? 113 HOH A O     1 
HETATM 419 O  O     . HOH F 3 .  ? 2.649   -6.343  -1.696  1.00 11.76 ? 115 HOH A O     1 
HETATM 420 O  O     . HOH F 3 .  ? 1.705   -8.700  -1.160  1.00 16.42 ? 118 HOH A O     1 
HETATM 421 O  O     . HOH F 3 .  ? -2.339  0.682   -6.339  1.00 19.51 ? 119 HOH A O     1 
HETATM 422 O  O     . HOH F 3 .  ? 2.045   -0.116  -7.559  1.00 13.10 ? 122 HOH A O     1 
HETATM 423 O  O     . HOH F 3 .  ? -2.261  7.624   -14.107 1.00 16.05 ? 123 HOH A O     1 
HETATM 424 O  O     . HOH F 3 .  ? -0.387  -11.530 1.466   1.00 18.13 ? 124 HOH A O     1 
HETATM 425 O  O     . HOH F 3 .  ? -2.675  5.978   -11.692 1.00 14.99 ? 126 HOH A O     1 
HETATM 426 O  O     . HOH F 3 .  ? 2.199   -12.235 1.434   1.00 19.35 ? 127 HOH A O     1 
HETATM 427 O  O     . HOH F 3 .  ? -4.664  3.837   -3.915  1.00 13.09 ? 129 HOH A O     1 
HETATM 428 O  O     . HOH F 3 .  ? -6.284  3.610   -10.948 1.00 25.52 ? 130 HOH A O     1 
HETATM 429 O  O     . HOH F 3 .  ? 5.125   1.258   -14.026 1.00 19.46 ? 131 HOH A O     1 
HETATM 430 O  O     . HOH F 3 .  ? -8.368  -10.757 9.158   1.00 25.89 ? 133 HOH A O     1 
HETATM 431 O  O     . HOH F 3 .  ? 4.791   -6.711  -3.593  1.00 13.18 ? 134 HOH A O     1 
HETATM 432 O  O     . HOH F 3 .  ? -0.861  4.579   -12.510 1.00 18.98 ? 138 HOH A O     1 
HETATM 433 O  O     . HOH F 3 .  ? 9.575   0.716   -2.543  1.00 18.82 ? 139 HOH A O     1 
HETATM 434 O  O     . HOH F 3 .  ? -8.859  2.209   -5.326  1.00 27.73 ? 144 HOH A O     1 
HETATM 435 O  O     . HOH F 3 .  ? -1.291  11.057  1.658   1.00 25.65 ? 145 HOH A O     1 
HETATM 436 O  O     . HOH F 3 .  ? -7.197  -15.944 8.465   1.00 28.23 ? 146 HOH A O     1 
HETATM 437 O  O     . HOH F 3 .  ? 1.321   -0.228  -11.919 1.00 23.89 ? 147 HOH A O     1 
HETATM 438 O  O     . HOH F 3 .  ? -1.819  -13.408 0.400   1.00 21.69 ? 150 HOH A O     1 
HETATM 439 O  O     . HOH F 3 .  ? -3.801  6.584   1.754   1.00 26.08 ? 152 HOH A O     1 
HETATM 440 O  O     . HOH F 3 .  ? -2.933  4.922   -0.695  1.00 16.83 ? 153 HOH A O     1 
HETATM 441 O  O     . HOH F 3 .  ? 10.141  -0.546  0.016   1.00 23.79 ? 155 HOH A O     1 
HETATM 442 O  O     . HOH F 3 .  ? 8.770   -8.017  -5.705  1.00 22.12 ? 156 HOH A O     1 
HETATM 443 O  O     . HOH F 3 .  ? -2.226  2.220   -4.589  1.00 24.16 ? 159 HOH A O     1 
HETATM 444 O  O     . HOH F 3 .  ? -0.184  -2.530  -2.317  1.00 21.10 ? 163 HOH A O     1 
HETATM 445 O  O     . HOH F 3 .  ? 4.259   -9.759  -0.690  1.00 17.83 ? 166 HOH A O     1 
HETATM 446 O  O     . HOH F 3 .  ? 11.063  -8.935  0.154   1.00 28.81 ? 169 HOH A O     1 
HETATM 447 O  O     . HOH F 3 .  ? 0.359   -7.409  -2.812  1.00 28.61 ? 170 HOH A O     1 
HETATM 448 O  O     . HOH F 3 .  ? -9.831  -13.895 8.933   1.00 28.69 ? 172 HOH A O     1 
HETATM 449 O  O     . HOH F 3 .  ? -7.692  -10.532 8.328   1.00 27.96 ? 173 HOH A O     1 
HETATM 450 O  O     . HOH F 3 .  ? 1.980   3.704   -12.146 1.00 28.58 ? 175 HOH A O     1 
HETATM 451 O  O     . HOH F 3 .  ? -3.486  1.841   -7.146  1.00 27.74 ? 176 HOH A O     1 
HETATM 452 O  O     . HOH F 3 .  ? 3.506   -3.789  -8.421  1.00 29.84 ? 183 HOH A O     1 
HETATM 453 O  O     . HOH F 3 .  ? 10.128  -4.309  -8.188  1.00 25.85 ? 184 HOH A O     1 
HETATM 454 O  O     . HOH F 3 .  ? 6.541   -9.640  -4.557  1.00 17.64 ? 185 HOH A O     1 
HETATM 455 O  O     . HOH F 3 .  ? 4.087   -15.047 3.792   1.00 27.43 ? 186 HOH A O     1 
HETATM 456 O  O     . HOH F 3 .  ? 0.776   0.293   -2.259  1.00 19.31 ? 191 HOH A O     1 
HETATM 457 O  O     . HOH F 3 .  ? -5.151  1.959   -0.018  1.00 23.54 ? 194 HOH A O     1 
HETATM 458 O  O     . HOH G 3 .  ? 1.046   -4.252  8.377   1.00 8.81  ? 24  HOH B O     1 
HETATM 459 O  O     . HOH G 3 .  ? -1.917  0.961   3.005   1.00 12.25 ? 104 HOH B O     1 
HETATM 460 O  O     . HOH G 3 .  ? 3.279   5.548   3.483   1.00 9.95  ? 105 HOH B O     1 
HETATM 461 O  O     . HOH G 3 .  ? 3.694   5.533   6.253   1.00 11.85 ? 108 HOH B O     1 
HETATM 462 O  O     . HOH G 3 .  ? 8.547   -1.503  4.057   1.00 15.80 ? 114 HOH B O     1 
HETATM 463 O  O     . HOH G 3 .  ? -2.596  -2.265  -0.550  1.00 17.93 ? 116 HOH B O     1 
HETATM 464 O  O     . HOH G 3 .  ? 5.298   -3.158  6.057   1.00 12.88 ? 117 HOH B O     1 
HETATM 465 O  O     . HOH G 3 .  ? 5.197   18.268  -8.724  1.00 13.97 ? 120 HOH B O     1 
HETATM 466 O  O     . HOH G 3 .  ? -4.086  1.413   4.582   1.00 12.52 ? 121 HOH B O     1 
HETATM 467 O  O     . HOH G 3 .  ? -6.235  -6.441  6.958   1.00 14.17 ? 125 HOH B O     1 
HETATM 468 O  O     . HOH G 3 .  ? 2.562   17.154  -10.877 1.00 22.86 ? 128 HOH B O     1 
HETATM 469 O  O     . HOH G 3 .  ? 5.825   5.862   10.594  1.00 21.06 ? 132 HOH B O     1 
HETATM 470 O  O     . HOH G 3 .  ? -7.580  -6.160  5.368   1.00 27.00 ? 135 HOH B O     1 
HETATM 471 O  O     . HOH G 3 .  ? 3.957   2.223   12.704  1.00 23.84 ? 136 HOH B O     1 
HETATM 472 O  O     . HOH G 3 .  ? 13.493  8.248   3.938   1.00 29.64 ? 137 HOH B O     1 
HETATM 473 O  O     . HOH G 3 .  ? -6.798  2.543   7.273   1.00 29.31 ? 140 HOH B O     1 
HETATM 474 O  O     . HOH G 3 .  ? -8.156  1.085   2.830   1.00 27.15 ? 141 HOH B O     1 
HETATM 475 O  O     . HOH G 3 .  ? -1.945  -6.415  -1.732  1.00 17.39 ? 142 HOH B O     1 
HETATM 476 O  O     . HOH G 3 .  ? -8.523  1.231   -1.963  1.00 26.77 ? 143 HOH B O     1 
HETATM 477 O  O     . HOH G 3 .  ? -12.445 -1.150  0.841   1.00 21.24 ? 148 HOH B O     1 
HETATM 478 O  O     . HOH G 3 .  ? -4.491  -3.953  -1.338  1.00 17.68 ? 149 HOH B O     1 
HETATM 479 O  O     . HOH G 3 .  ? 4.247   14.598  -2.674  1.00 23.85 ? 151 HOH B O     1 
HETATM 480 O  O     . HOH G 3 .  ? 4.699   0.571   9.591   1.00 27.91 ? 154 HOH B O     1 
HETATM 481 O  O     . HOH G 3 .  ? -0.279  5.288   7.885   1.00 26.88 ? 157 HOH B O     1 
HETATM 482 O  O     . HOH G 3 .  ? 7.271   0.134   0.943   1.00 27.06 ? 158 HOH B O     1 
HETATM 483 O  O     . HOH G 3 .  ? 6.261   11.265  2.269   1.00 23.12 ? 160 HOH B O     1 
HETATM 484 O  O     . HOH G 3 .  ? -4.989  3.277   10.916  1.00 19.25 ? 161 HOH B O     1 
HETATM 485 O  O     . HOH G 3 .  ? -6.791  0.525   1.523   1.00 20.71 ? 162 HOH B O     1 
HETATM 486 O  O     . HOH G 3 .  ? -0.271  -0.668  0.056   1.00 29.37 ? 164 HOH B O     1 
HETATM 487 O  O     . HOH G 3 .  ? 9.275   9.562   6.418   1.00 25.36 ? 165 HOH B O     1 
HETATM 488 O  O     . HOH G 3 .  ? 5.846   8.162   4.196   1.00 17.04 ? 167 HOH B O     1 
HETATM 489 O  O     . HOH G 3 .  ? 8.382   14.854  -7.993  1.00 24.02 ? 168 HOH B O     1 
HETATM 490 O  O     . HOH G 3 .  ? 3.249   10.741  0.751   1.00 19.88 ? 171 HOH B O     1 
HETATM 491 O  O     . HOH G 3 .  ? -1.736  4.625   5.305   1.00 27.78 ? 174 HOH B O     1 
HETATM 492 O  O     . HOH G 3 .  ? 5.065   7.940   8.571   1.00 23.27 ? 177 HOH B O     1 
HETATM 493 O  O     . HOH G 3 .  ? 10.348  2.642   -1.282  1.00 17.99 ? 178 HOH B O     1 
HETATM 494 O  O     . HOH G 3 .  ? 4.261   17.135  -6.279  1.00 28.74 ? 179 HOH B O     1 
HETATM 495 O  O     . HOH G 3 .  ? -10.595 -0.444  -3.335  1.00 25.93 ? 180 HOH B O     1 
HETATM 496 O  O     . HOH G 3 .  ? -8.433  -10.126 -8.803  1.00 25.19 ? 181 HOH B O     1 
HETATM 497 O  O     . HOH G 3 .  ? -1.208  3.344   5.396   1.00 19.99 ? 182 HOH B O     1 
HETATM 498 O  O     . HOH G 3 .  ? -6.442  -1.522  2.285   1.00 26.81 ? 187 HOH B O     1 
HETATM 499 O  O     . HOH G 3 .  ? -10.094 0.790   -1.409  1.00 27.26 ? 188 HOH B O     1 
HETATM 500 O  O     . HOH G 3 .  ? 9.158   3.944   -1.409  1.00 29.14 ? 189 HOH B O     1 
HETATM 501 O  O     . HOH G 3 .  ? 5.687   17.592  -2.815  1.00 18.92 ? 190 HOH B O     1 
HETATM 502 O  O     . HOH G 3 .  ? -1.787  0.834   -0.273  1.00 29.96 ? 192 HOH B O     1 
HETATM 503 O  O     . HOH G 3 .  ? 0.056   2.587   1.973   1.00 22.40 ? 193 HOH B O     1 
# 
